data_8JPP
#
_entry.id   8JPP
#
_cell.length_a   1.00
_cell.length_b   1.00
_cell.length_c   1.00
_cell.angle_alpha   90.00
_cell.angle_beta   90.00
_cell.angle_gamma   90.00
#
_symmetry.space_group_name_H-M   'P 1'
#
loop_
_entity.id
_entity.type
_entity.pdbx_description
1 polymer 'Guanine nucleotide-binding protein G(s) subunit alpha isoforms short'
2 polymer 'Guanine nucleotide-binding protein G(I)/G(S)/G(T) subunit beta-1'
3 polymer 'Guanine nucleotide-binding protein G(I)/G(S)/G(O) subunit gamma-2'
4 polymer 'Soluble cytochrome b562,Succinate receptor 1,Oplophorus-luciferin 2-monooxygenase catalytic subunit'
5 non-polymer 'SUCCINIC ACID'
#
loop_
_entity_poly.entity_id
_entity_poly.type
_entity_poly.pdbx_seq_one_letter_code
_entity_poly.pdbx_strand_id
1 'polypeptide(L)'
;MGCLGNSKTEDQRNEEKAQREANKKIEKQLQKDKQVYRATHRLLLLGADNSGKSTIVKQMRILHGGSGGSGGTSGIFETK
FQVDKVNFHMFDVGGQRDERRKWIQCFNDVTAIIFVVDSSDYNRLQEALNLFKSIWNNRWLRTISVILFLNKQDLLAEKV
LAGKSKIEDYFPEFARYTTPEDATPEPGEDPRVTRAKYFIRDEFLRISTASGDGRHYCYPHFTCAVDTENARRIFNDCKD
IILQMNLREYNLV
;
A
2 'polypeptide(L)'
;MHHHHHHGSLLQSELDQLRQEAEQLKNQIRDARKACADATLSQITNNIDPVGRIQMRTRRTLRGHLAKIYAMHWGTDSRL
LVSASQDGKLIIWDSYTTNKVHAIPLRSSWVMTCAYAPSGNYVACGGLDNICSIYNLKTREGNVRVSRELAGHTGYLSCC
RFLDDNQIVTSSGDTTCALWDIETGQQTTTFTGHTGDVMSLSLAPDTRLFVSGACDASAKLWDVREGMCRQTFTGHESDI
NAICFFPNGNAFATGSDDATCRLFDLRADQELMTYSHDNIICGITSVSFSKSGRLLLAGYDDFNCNVWDALKADRAGVLA
GHDNRVSCLGVTDDGMAVATGSWDSFLKIWNGSSGGGGSGGGGSSGVSGWRLFKKIS
;
B
3 'polypeptide(L)' MASNNTASIAQARKLVEQLKMEANIDRIKVSKAAADLMAYCEAHAKEDPLLTPVPASENPFREKKFFCAIL G
4 'polypeptide(L)'
;MKTIIALSYIFCLVFADYKDDDDAGRAHHHHHHHHHHENLYFQSGAPADLEDNWETLNDNLKVIEKADNAAQVKDALTKM
RAAALDAQKATPPKLEDKSPDSPEMKDFRHGFDILVGQIDDALKLANEGKVKEAQAAAEQLKTTRNAYIQKYLLEVLFQG
PEFMLGIMAWNATCKNWLAAEAALEKYYLSIFYGIEFVVGVLGNTIVVYGYIFSLKNWNSSNIYLFNLSVSDLAFLCTLP
MLIRSYANGNWIYGDVLCISNRYVLHANLYTSILFLTFISIDRYLIIKYPFREHLLQKKEFAILISLAIWVLVTLELLPI
LPLINPVITDNGTTCNDFASSGDPNYNLIYSMCLTLLGFLIPLFVMCFFYYKIALFLKQRNRQVATALPLEKPLNLVIMA
VVIFSVLFTPYHVMRNVRIASRLGSWKQYQCTQVVINSFYIVTRPLAFLNSVINPVFYFLLGDHFRDMLMNQLRHNFKSL
TSFSRWAHELLLSFREKAAAVFTLEDFVGDWEQTAAYNLDQVLEQGGVSSLLQNLAVSVTPIQRIVRSGENALKIDIHVI
IPYEGLSADQMAQIEEVFKVVYPVDDHHFKVILPYGTLVIDGVTPNMLNYFGRPYEGIAVFDGKKITVTGTLWNGNKIID
ERLITPDGSMLFRVTINS
;
R
#
# COMPACT_ATOMS: atom_id res chain seq x y z
N THR A 9 16.63 39.53 -19.27
CA THR A 9 16.65 38.04 -19.40
C THR A 9 17.20 37.41 -18.12
N GLU A 10 16.98 38.07 -16.98
CA GLU A 10 17.49 37.59 -15.70
C GLU A 10 16.49 37.69 -14.55
N ASP A 11 15.38 38.41 -14.70
CA ASP A 11 14.49 38.62 -13.57
C ASP A 11 13.86 37.32 -13.10
N GLN A 12 13.37 36.49 -14.03
CA GLN A 12 12.64 35.28 -13.67
C GLN A 12 13.49 34.03 -13.71
N ARG A 13 14.72 34.10 -14.22
CA ARG A 13 15.52 32.89 -14.40
C ARG A 13 16.36 32.56 -13.17
N ASN A 14 16.89 33.58 -12.49
CA ASN A 14 17.61 33.33 -11.25
C ASN A 14 16.68 32.71 -10.21
N GLU A 15 15.47 33.22 -10.10
CA GLU A 15 14.51 32.65 -9.15
C GLU A 15 14.16 31.21 -9.52
N GLU A 16 13.98 30.94 -10.81
CA GLU A 16 13.68 29.57 -11.24
C GLU A 16 14.83 28.64 -10.90
N LYS A 17 16.07 29.08 -11.15
CA LYS A 17 17.21 28.23 -10.83
C LYS A 17 17.32 27.99 -9.34
N ALA A 18 17.07 29.02 -8.53
CA ALA A 18 17.10 28.84 -7.09
C ALA A 18 16.02 27.85 -6.63
N GLN A 19 14.83 27.97 -7.21
CA GLN A 19 13.75 27.04 -6.85
C GLN A 19 14.12 25.61 -7.23
N ARG A 20 14.73 25.42 -8.40
CA ARG A 20 15.12 24.08 -8.80
C ARG A 20 16.22 23.54 -7.90
N GLU A 21 17.15 24.39 -7.49
CA GLU A 21 18.20 23.96 -6.58
C GLU A 21 17.61 23.51 -5.25
N ALA A 22 16.67 24.30 -4.72
CA ALA A 22 16.02 23.91 -3.48
C ALA A 22 15.26 22.60 -3.65
N ASN A 23 14.58 22.43 -4.79
CA ASN A 23 13.84 21.20 -5.04
C ASN A 23 14.79 20.01 -5.07
N LYS A 24 15.93 20.14 -5.74
CA LYS A 24 16.86 19.01 -5.82
C LYS A 24 17.49 18.70 -4.47
N LYS A 25 17.79 19.73 -3.67
CA LYS A 25 18.31 19.49 -2.33
C LYS A 25 17.28 18.76 -1.48
N ILE A 26 16.02 19.20 -1.55
CA ILE A 26 14.97 18.55 -0.77
C ILE A 26 14.75 17.13 -1.25
N GLU A 27 14.85 16.90 -2.56
CA GLU A 27 14.69 15.55 -3.08
C GLU A 27 15.82 14.65 -2.61
N LYS A 28 17.04 15.17 -2.57
CA LYS A 28 18.15 14.38 -2.04
C LYS A 28 17.92 14.04 -0.57
N GLN A 29 17.45 15.01 0.21
CA GLN A 29 17.18 14.74 1.62
C GLN A 29 16.06 13.71 1.78
N LEU A 30 15.03 13.80 0.95
CA LEU A 30 13.93 12.83 1.01
C LEU A 30 14.41 11.44 0.61
N GLN A 31 15.30 11.35 -0.39
CA GLN A 31 15.85 10.05 -0.75
C GLN A 31 16.67 9.48 0.40
N LYS A 32 17.44 10.34 1.08
CA LYS A 32 18.21 9.87 2.23
C LYS A 32 17.29 9.39 3.35
N ASP A 33 16.18 10.09 3.58
CA ASP A 33 15.26 9.69 4.64
C ASP A 33 14.45 8.45 4.26
N LYS A 34 14.26 8.21 2.96
CA LYS A 34 13.48 7.06 2.52
C LYS A 34 14.13 5.76 2.95
N GLN A 35 15.45 5.68 2.86
CA GLN A 35 16.15 4.48 3.30
C GLN A 35 15.90 4.20 4.78
N VAL A 36 15.98 5.23 5.61
CA VAL A 36 15.73 5.06 7.03
C VAL A 36 14.29 4.64 7.27
N TYR A 37 13.35 5.30 6.60
CA TYR A 37 11.94 4.98 6.80
C TYR A 37 11.64 3.54 6.41
N ARG A 38 12.19 3.09 5.29
CA ARG A 38 11.95 1.71 4.85
C ARG A 38 12.64 0.71 5.76
N ALA A 39 13.83 1.05 6.27
CA ALA A 39 14.55 0.14 7.15
C ALA A 39 13.87 -0.01 8.51
N THR A 40 13.46 1.10 9.12
CA THR A 40 12.84 1.02 10.44
C THR A 40 11.51 0.30 10.35
N HIS A 41 11.22 -0.50 11.37
CA HIS A 41 9.99 -1.28 11.45
C HIS A 41 9.08 -0.64 12.47
N ARG A 42 7.89 -0.22 12.02
CA ARG A 42 6.94 0.45 12.90
C ARG A 42 6.07 -0.57 13.61
N LEU A 43 5.83 -0.33 14.89
CA LEU A 43 5.08 -1.23 15.75
C LEU A 43 3.99 -0.44 16.47
N LEU A 44 2.94 -1.11 16.89
CA LEU A 44 1.86 -0.51 17.67
C LEU A 44 1.65 -1.33 18.93
N LEU A 45 1.71 -0.67 20.08
CA LEU A 45 1.64 -1.33 21.38
C LEU A 45 0.27 -1.08 22.00
N LEU A 46 -0.62 -2.04 21.82
CA LEU A 46 -1.95 -1.96 22.43
C LEU A 46 -2.03 -2.90 23.63
N GLY A 47 -3.02 -2.67 24.46
CA GLY A 47 -3.21 -3.44 25.69
C GLY A 47 -3.79 -2.56 26.76
N ALA A 48 -4.53 -3.18 27.68
CA ALA A 48 -5.18 -2.44 28.74
C ALA A 48 -4.14 -1.81 29.68
N ASP A 49 -4.58 -0.79 30.42
CA ASP A 49 -3.67 -0.11 31.34
C ASP A 49 -3.18 -1.05 32.43
N ASN A 50 -4.05 -1.93 32.93
CA ASN A 50 -3.63 -2.87 33.97
C ASN A 50 -2.55 -3.83 33.49
N SER A 51 -2.37 -3.97 32.18
CA SER A 51 -1.32 -4.80 31.64
C SER A 51 0.04 -4.10 31.77
N GLY A 52 1.10 -4.86 31.56
CA GLY A 52 2.45 -4.35 31.67
C GLY A 52 2.99 -3.69 30.42
N LYS A 53 2.13 -3.03 29.63
CA LYS A 53 2.61 -2.41 28.40
C LYS A 53 3.66 -1.34 28.68
N SER A 54 3.43 -0.52 29.71
CA SER A 54 4.39 0.52 30.04
C SER A 54 5.71 -0.06 30.49
N THR A 55 5.67 -1.13 31.29
CA THR A 55 6.90 -1.75 31.75
C THR A 55 7.71 -2.30 30.59
N ILE A 56 7.05 -2.96 29.63
CA ILE A 56 7.73 -3.47 28.45
C ILE A 56 8.30 -2.31 27.64
N VAL A 57 7.53 -1.23 27.51
CA VAL A 57 7.99 -0.07 26.74
C VAL A 57 9.27 0.47 27.36
N LYS A 58 9.32 0.60 28.68
CA LYS A 58 10.54 1.05 29.35
C LYS A 58 11.66 0.03 29.18
N GLN A 59 11.33 -1.27 29.26
CA GLN A 59 12.34 -2.31 29.17
C GLN A 59 13.04 -2.29 27.82
N MET A 60 12.36 -1.84 26.77
CA MET A 60 13.08 -1.61 25.52
C MET A 60 13.58 -0.18 25.36
N ARG A 61 13.05 0.72 26.20
CA ARG A 61 13.53 2.12 26.21
C ARG A 61 14.97 2.10 26.69
N ILE A 62 15.31 1.23 27.66
CA ILE A 62 16.68 1.11 28.14
C ILE A 62 17.61 0.56 27.08
N LEU A 63 17.08 -0.07 26.04
CA LEU A 63 17.90 -0.59 24.94
C LEU A 63 17.26 -0.29 23.60
N GLY A 72 8.14 9.70 22.99
CA GLY A 72 7.07 10.67 22.86
C GLY A 72 6.75 11.35 24.18
N THR A 73 6.40 12.62 24.13
CA THR A 73 6.11 13.40 25.32
C THR A 73 4.63 13.37 25.68
N SER A 74 3.77 13.66 24.71
CA SER A 74 2.32 13.73 24.95
C SER A 74 1.59 12.95 23.87
N GLY A 75 0.54 12.24 24.30
CA GLY A 75 -0.32 11.51 23.38
C GLY A 75 0.19 10.14 23.01
N ILE A 76 1.20 10.08 22.15
CA ILE A 76 1.75 8.82 21.66
C ILE A 76 3.20 8.76 22.11
N PHE A 77 3.57 7.65 22.76
CA PHE A 77 4.91 7.49 23.37
C PHE A 77 5.80 6.60 22.50
N GLU A 78 6.46 7.16 21.48
CA GLU A 78 7.35 6.38 20.63
C GLU A 78 8.45 5.74 21.46
N THR A 79 9.14 4.77 20.88
CA THR A 79 10.19 4.04 21.59
C THR A 79 11.16 3.49 20.56
N LYS A 80 12.37 4.04 20.52
CA LYS A 80 13.42 3.53 19.66
C LYS A 80 14.19 2.45 20.39
N PHE A 81 14.07 1.21 19.94
CA PHE A 81 14.90 0.12 20.41
C PHE A 81 15.43 -0.64 19.21
N GLN A 82 16.70 -1.01 19.28
CA GLN A 82 17.43 -1.54 18.13
C GLN A 82 18.04 -2.88 18.49
N VAL A 83 17.84 -3.87 17.64
CA VAL A 83 18.41 -5.21 17.83
C VAL A 83 18.89 -5.73 16.48
N ASP A 84 20.07 -6.34 16.47
CA ASP A 84 20.60 -7.02 15.29
C ASP A 84 20.60 -6.09 14.08
N LYS A 85 21.15 -4.89 14.27
CA LYS A 85 21.36 -3.93 13.19
C LYS A 85 20.07 -3.45 12.55
N VAL A 86 18.92 -3.78 13.14
CA VAL A 86 17.62 -3.31 12.69
C VAL A 86 16.93 -2.61 13.85
N ASN A 87 16.37 -1.44 13.57
CA ASN A 87 15.78 -0.58 14.60
C ASN A 87 14.26 -0.65 14.52
N PHE A 88 13.63 -0.85 15.66
CA PHE A 88 12.18 -0.97 15.77
C PHE A 88 11.61 0.28 16.42
N HIS A 89 10.52 0.77 15.85
CA HIS A 89 9.84 1.97 16.35
C HIS A 89 8.48 1.56 16.87
N MET A 90 8.37 1.40 18.18
CA MET A 90 7.12 1.06 18.84
C MET A 90 6.40 2.35 19.23
N PHE A 91 5.07 2.30 19.23
CA PHE A 91 4.24 3.49 19.43
C PHE A 91 3.12 3.19 20.43
N ASP A 92 3.43 3.33 21.71
CA ASP A 92 2.43 3.17 22.76
C ASP A 92 1.45 4.34 22.68
N VAL A 93 0.17 4.01 22.44
CA VAL A 93 -0.84 5.02 22.15
C VAL A 93 -1.70 5.27 23.38
N GLY A 94 -1.15 5.02 24.56
CA GLY A 94 -1.93 5.10 25.79
C GLY A 94 -2.50 6.47 26.09
N GLY A 95 -1.99 7.51 25.44
CA GLY A 95 -2.46 8.85 25.71
C GLY A 95 -3.80 9.22 25.09
N GLN A 96 -4.38 8.35 24.27
CA GLN A 96 -5.64 8.65 23.62
C GLN A 96 -6.82 8.25 24.51
N ARG A 97 -8.02 8.64 24.06
CA ARG A 97 -9.23 8.30 24.79
C ARG A 97 -9.47 6.80 24.77
N ASP A 98 -10.52 6.37 25.48
CA ASP A 98 -10.84 4.95 25.56
C ASP A 98 -11.19 4.38 24.19
N GLU A 99 -11.95 5.12 23.39
CA GLU A 99 -12.37 4.66 22.07
C GLU A 99 -11.27 4.93 21.06
N ARG A 100 -11.14 4.04 20.06
CA ARG A 100 -10.01 4.08 19.15
C ARG A 100 -10.36 3.83 17.70
N ARG A 101 -11.63 3.72 17.32
CA ARG A 101 -11.96 3.29 15.97
C ARG A 101 -11.47 4.29 14.92
N LYS A 102 -11.16 5.52 15.33
CA LYS A 102 -10.79 6.56 14.36
C LYS A 102 -9.27 6.61 14.13
N TRP A 103 -8.49 6.72 15.21
CA TRP A 103 -7.05 6.87 15.04
C TRP A 103 -6.37 5.55 14.72
N ILE A 104 -7.08 4.42 14.84
CA ILE A 104 -6.52 3.14 14.43
C ILE A 104 -6.22 3.13 12.94
N GLN A 105 -6.94 3.94 12.15
CA GLN A 105 -6.67 4.00 10.72
C GLN A 105 -5.27 4.49 10.42
N CYS A 106 -4.66 5.24 11.34
CA CYS A 106 -3.31 5.76 11.09
C CYS A 106 -2.31 4.61 10.94
N PHE A 107 -2.50 3.53 11.70
CA PHE A 107 -1.56 2.43 11.74
C PHE A 107 -1.88 1.33 10.75
N ASN A 108 -2.49 1.67 9.61
CA ASN A 108 -2.75 0.68 8.59
C ASN A 108 -1.46 0.12 7.99
N ASP A 109 -0.36 0.87 8.07
CA ASP A 109 0.91 0.48 7.48
C ASP A 109 1.91 -0.04 8.51
N VAL A 110 1.45 -0.29 9.75
CA VAL A 110 2.35 -0.79 10.78
C VAL A 110 2.66 -2.26 10.50
N THR A 111 3.91 -2.65 10.74
CA THR A 111 4.33 -4.02 10.42
C THR A 111 3.61 -5.05 11.28
N ALA A 112 3.48 -4.78 12.58
CA ALA A 112 2.87 -5.74 13.49
C ALA A 112 2.31 -4.99 14.70
N ILE A 113 1.12 -5.39 15.12
CA ILE A 113 0.52 -4.85 16.33
C ILE A 113 0.94 -5.69 17.51
N ILE A 114 1.55 -5.06 18.51
CA ILE A 114 1.92 -5.73 19.74
C ILE A 114 0.76 -5.56 20.73
N PHE A 115 0.26 -6.68 21.23
CA PHE A 115 -0.93 -6.70 22.08
C PHE A 115 -0.53 -7.29 23.43
N VAL A 116 -0.38 -6.44 24.43
CA VAL A 116 -0.04 -6.88 25.78
C VAL A 116 -1.33 -7.01 26.58
N VAL A 117 -1.60 -8.22 27.07
CA VAL A 117 -2.83 -8.51 27.79
C VAL A 117 -2.49 -9.16 29.12
N ASP A 118 -3.07 -8.63 30.19
CA ASP A 118 -2.84 -9.14 31.53
C ASP A 118 -3.53 -10.49 31.68
N SER A 119 -2.73 -11.56 31.77
CA SER A 119 -3.27 -12.93 31.92
C SER A 119 -3.67 -13.17 33.37
N SER A 120 -3.35 -12.26 34.30
CA SER A 120 -3.67 -12.47 35.71
C SER A 120 -5.13 -12.13 36.00
N ASP A 121 -5.52 -10.87 35.78
CA ASP A 121 -6.87 -10.41 36.10
C ASP A 121 -7.84 -11.02 35.11
N TYR A 122 -8.61 -12.00 35.57
CA TYR A 122 -9.58 -12.65 34.69
C TYR A 122 -10.80 -11.77 34.44
N ASN A 123 -11.31 -11.11 35.48
CA ASN A 123 -12.48 -10.25 35.31
C ASN A 123 -12.27 -9.20 34.23
N ARG A 124 -11.04 -8.72 34.09
CA ARG A 124 -10.68 -7.77 33.04
C ARG A 124 -10.13 -8.44 31.80
N LEU A 125 -10.29 -9.76 31.66
CA LEU A 125 -9.70 -10.50 30.52
C LEU A 125 -10.70 -10.64 29.38
N GLN A 126 -11.93 -11.05 29.65
CA GLN A 126 -12.93 -11.29 28.59
C GLN A 126 -13.15 -10.01 27.78
N GLU A 127 -12.60 -8.87 28.23
CA GLU A 127 -12.68 -7.60 27.47
C GLU A 127 -11.45 -7.50 26.58
N ALA A 128 -10.31 -8.04 27.02
CA ALA A 128 -9.07 -8.04 26.24
C ALA A 128 -9.23 -9.01 25.07
N LEU A 129 -9.98 -10.09 25.24
CA LEU A 129 -10.26 -11.06 24.15
C LEU A 129 -11.19 -10.37 23.17
N ASN A 130 -11.95 -9.37 23.60
CA ASN A 130 -12.93 -8.67 22.75
C ASN A 130 -12.28 -7.43 22.14
N LEU A 131 -11.23 -6.87 22.76
CA LEU A 131 -10.48 -5.74 22.16
C LEU A 131 -9.62 -6.39 21.09
N PHE A 132 -9.23 -7.64 21.31
CA PHE A 132 -8.48 -8.39 20.31
C PHE A 132 -9.37 -8.77 19.13
N LYS A 133 -10.61 -9.19 19.42
CA LYS A 133 -11.52 -9.58 18.35
C LYS A 133 -11.81 -8.42 17.41
N SER A 134 -12.09 -7.23 17.97
CA SER A 134 -12.33 -6.07 17.12
C SER A 134 -11.08 -5.71 16.34
N ILE A 135 -9.91 -5.79 16.98
CA ILE A 135 -8.66 -5.46 16.30
C ILE A 135 -8.41 -6.43 15.16
N TRP A 136 -8.60 -7.73 15.41
CA TRP A 136 -8.31 -8.74 14.40
C TRP A 136 -9.19 -8.56 13.17
N ASN A 137 -10.47 -8.27 13.37
CA ASN A 137 -11.43 -8.13 12.29
C ASN A 137 -11.59 -6.69 11.84
N ASN A 138 -10.73 -5.79 12.28
CA ASN A 138 -10.84 -4.39 11.91
C ASN A 138 -10.67 -4.22 10.41
N ARG A 139 -11.38 -3.23 9.85
CA ARG A 139 -11.32 -3.01 8.41
C ARG A 139 -9.92 -2.67 7.94
N TRP A 140 -9.21 -1.82 8.70
CA TRP A 140 -7.90 -1.34 8.30
C TRP A 140 -6.75 -2.17 8.84
N LEU A 141 -7.04 -3.17 9.69
CA LEU A 141 -6.01 -4.04 10.23
C LEU A 141 -6.20 -5.50 9.85
N ARG A 142 -6.85 -5.78 8.72
CA ARG A 142 -7.04 -7.14 8.28
C ARG A 142 -5.86 -7.60 7.43
N THR A 143 -4.74 -6.88 7.52
CA THR A 143 -3.50 -7.29 6.88
C THR A 143 -2.29 -7.08 7.78
N ILE A 144 -2.49 -6.94 9.09
CA ILE A 144 -1.42 -6.67 10.05
C ILE A 144 -1.42 -7.77 11.09
N SER A 145 -0.27 -8.41 11.27
CA SER A 145 -0.14 -9.47 12.25
C SER A 145 -0.09 -8.90 13.66
N VAL A 146 -0.52 -9.69 14.63
CA VAL A 146 -0.64 -9.27 16.01
C VAL A 146 0.34 -10.09 16.84
N ILE A 147 1.36 -9.43 17.39
CA ILE A 147 2.27 -10.08 18.33
C ILE A 147 1.63 -9.99 19.70
N LEU A 148 1.21 -11.12 20.25
CA LEU A 148 0.39 -11.17 21.45
C LEU A 148 1.29 -11.53 22.63
N PHE A 149 1.31 -10.67 23.65
CA PHE A 149 2.08 -10.89 24.86
C PHE A 149 1.12 -11.16 26.00
N LEU A 150 1.14 -12.39 26.50
CA LEU A 150 0.33 -12.77 27.66
C LEU A 150 1.12 -12.41 28.92
N ASN A 151 1.12 -11.12 29.21
CA ASN A 151 2.02 -10.56 30.22
C ASN A 151 1.64 -11.06 31.61
N LYS A 152 2.51 -10.75 32.56
CA LYS A 152 2.27 -11.02 33.99
C LYS A 152 1.93 -12.49 34.22
N GLN A 153 2.79 -13.39 33.72
CA GLN A 153 2.60 -14.80 33.98
C GLN A 153 3.02 -15.19 35.39
N ASP A 154 4.05 -14.51 35.93
CA ASP A 154 4.45 -14.79 37.30
C ASP A 154 3.30 -14.53 38.27
N LEU A 155 2.60 -13.41 38.09
CA LEU A 155 1.44 -13.13 38.91
C LEU A 155 0.36 -14.19 38.73
N LEU A 156 0.11 -14.61 37.49
CA LEU A 156 -0.87 -15.66 37.23
C LEU A 156 -0.45 -16.97 37.89
N ALA A 157 0.82 -17.34 37.74
CA ALA A 157 1.29 -18.61 38.31
C ALA A 157 1.13 -18.62 39.81
N GLU A 158 1.52 -17.53 40.49
CA GLU A 158 1.37 -17.47 41.94
C GLU A 158 -0.08 -17.33 42.35
N LYS A 159 -0.93 -16.81 41.44
CA LYS A 159 -2.35 -16.66 41.77
C LYS A 159 -3.09 -17.98 41.66
N VAL A 160 -2.82 -18.76 40.61
CA VAL A 160 -3.45 -20.06 40.48
C VAL A 160 -2.90 -21.03 41.51
N LEU A 161 -1.59 -20.98 41.75
CA LEU A 161 -0.98 -21.88 42.73
C LEU A 161 -1.51 -21.62 44.13
N ALA A 162 -1.94 -20.39 44.42
CA ALA A 162 -2.45 -20.03 45.73
C ALA A 162 -3.95 -20.22 45.85
N GLY A 163 -4.61 -20.73 44.80
CA GLY A 163 -6.04 -20.93 44.85
C GLY A 163 -6.81 -19.65 44.62
N LYS A 164 -8.13 -19.76 44.75
CA LYS A 164 -9.04 -18.64 44.52
C LYS A 164 -9.01 -18.18 43.06
N SER A 165 -8.43 -18.98 42.18
CA SER A 165 -8.38 -18.68 40.76
C SER A 165 -9.51 -19.38 40.02
N LYS A 166 -10.74 -18.98 40.34
CA LYS A 166 -11.94 -19.60 39.78
C LYS A 166 -12.16 -19.13 38.34
N ILE A 167 -11.16 -19.40 37.50
CA ILE A 167 -11.25 -19.06 36.09
C ILE A 167 -12.35 -19.85 35.39
N GLU A 168 -12.79 -20.95 36.00
CA GLU A 168 -13.88 -21.73 35.40
C GLU A 168 -15.17 -20.94 35.35
N ASP A 169 -15.44 -20.13 36.37
CA ASP A 169 -16.69 -19.37 36.41
C ASP A 169 -16.77 -18.40 35.23
N TYR A 170 -15.71 -17.62 35.00
CA TYR A 170 -15.73 -16.68 33.90
C TYR A 170 -15.81 -17.38 32.55
N PHE A 171 -15.07 -18.48 32.40
CA PHE A 171 -15.10 -19.28 31.17
C PHE A 171 -15.53 -20.69 31.53
N PRO A 172 -16.81 -21.03 31.42
CA PRO A 172 -17.23 -22.41 31.76
C PRO A 172 -16.54 -23.46 30.93
N GLU A 173 -16.11 -23.14 29.72
CA GLU A 173 -15.43 -24.10 28.86
C GLU A 173 -14.11 -24.58 29.44
N PHE A 174 -13.52 -23.85 30.40
CA PHE A 174 -12.25 -24.29 30.96
C PHE A 174 -12.38 -25.63 31.65
N ALA A 175 -13.56 -25.94 32.20
CA ALA A 175 -13.76 -27.25 32.81
C ALA A 175 -13.58 -28.36 31.79
N ARG A 176 -14.12 -28.19 30.59
CA ARG A 176 -13.95 -29.15 29.51
C ARG A 176 -12.76 -28.79 28.63
N TYR A 177 -11.60 -28.59 29.25
CA TYR A 177 -10.39 -28.22 28.52
C TYR A 177 -9.20 -28.97 29.10
N THR A 178 -8.31 -29.43 28.21
CA THR A 178 -7.11 -30.14 28.60
C THR A 178 -5.92 -29.54 27.84
N THR A 179 -4.75 -29.62 28.46
CA THR A 179 -3.56 -29.03 27.87
C THR A 179 -3.31 -29.63 26.49
N PRO A 180 -3.06 -28.82 25.46
CA PRO A 180 -2.77 -29.40 24.15
C PRO A 180 -1.47 -30.20 24.15
N GLU A 181 -1.43 -31.21 23.28
CA GLU A 181 -0.26 -32.09 23.24
C GLU A 181 1.00 -31.32 22.85
N ASP A 182 0.88 -30.40 21.90
CA ASP A 182 2.05 -29.68 21.38
C ASP A 182 2.58 -28.62 22.33
N ALA A 183 2.06 -28.50 23.55
CA ALA A 183 2.58 -27.51 24.48
C ALA A 183 4.02 -27.83 24.86
N THR A 184 4.75 -26.80 25.26
CA THR A 184 6.15 -26.92 25.68
C THR A 184 6.34 -26.23 27.03
N PRO A 185 5.76 -26.80 28.09
CA PRO A 185 5.89 -26.19 29.41
C PRO A 185 7.29 -26.36 29.97
N GLU A 186 7.69 -25.45 30.84
CA GLU A 186 8.96 -25.58 31.52
C GLU A 186 8.91 -26.78 32.47
N PRO A 187 10.05 -27.40 32.75
CA PRO A 187 10.04 -28.60 33.59
C PRO A 187 9.47 -28.36 34.99
N GLY A 188 9.64 -27.17 35.55
CA GLY A 188 9.32 -26.93 36.94
C GLY A 188 8.16 -26.00 37.20
N GLU A 189 7.07 -26.13 36.45
CA GLU A 189 5.86 -25.36 36.69
C GLU A 189 4.71 -26.31 37.02
N ASP A 190 3.79 -25.83 37.84
CA ASP A 190 2.63 -26.64 38.22
C ASP A 190 1.87 -27.03 36.96
N PRO A 191 1.55 -28.32 36.78
CA PRO A 191 0.74 -28.70 35.60
C PRO A 191 -0.59 -27.98 35.53
N ARG A 192 -1.21 -27.66 36.66
CA ARG A 192 -2.44 -26.88 36.62
C ARG A 192 -2.20 -25.52 35.98
N VAL A 193 -1.11 -24.85 36.36
CA VAL A 193 -0.78 -23.56 35.76
C VAL A 193 -0.59 -23.71 34.26
N THR A 194 0.15 -24.73 33.84
CA THR A 194 0.35 -24.96 32.42
C THR A 194 -0.97 -25.08 31.69
N ARG A 195 -1.96 -25.71 32.31
CA ARG A 195 -3.28 -25.80 31.69
C ARG A 195 -4.03 -24.48 31.79
N ALA A 196 -3.76 -23.69 32.83
CA ALA A 196 -4.42 -22.39 32.96
C ALA A 196 -3.84 -21.37 31.98
N LYS A 197 -2.52 -21.35 31.82
CA LYS A 197 -1.91 -20.35 30.95
C LYS A 197 -2.08 -20.69 29.47
N TYR A 198 -2.09 -21.98 29.12
CA TYR A 198 -2.36 -22.35 27.74
C TYR A 198 -3.84 -22.25 27.42
N PHE A 199 -4.71 -22.27 28.42
CA PHE A 199 -6.13 -22.04 28.18
C PHE A 199 -6.38 -20.63 27.67
N ILE A 200 -5.79 -19.64 28.35
CA ILE A 200 -5.95 -18.26 27.94
C ILE A 200 -5.37 -18.03 26.55
N ARG A 201 -4.19 -18.59 26.29
CA ARG A 201 -3.56 -18.43 24.99
C ARG A 201 -4.46 -18.92 23.88
N ASP A 202 -5.11 -20.07 24.10
CA ASP A 202 -5.96 -20.65 23.05
C ASP A 202 -7.16 -19.75 22.76
N GLU A 203 -7.71 -19.08 23.77
CA GLU A 203 -8.88 -18.24 23.54
C GLU A 203 -8.56 -17.12 22.55
N PHE A 204 -7.41 -16.47 22.71
CA PHE A 204 -7.02 -15.45 21.74
C PHE A 204 -6.77 -16.06 20.38
N LEU A 205 -6.14 -17.24 20.34
CA LEU A 205 -5.86 -17.88 19.06
C LEU A 205 -7.14 -18.30 18.36
N ARG A 206 -8.16 -18.74 19.11
CA ARG A 206 -9.43 -19.07 18.49
C ARG A 206 -10.03 -17.85 17.80
N ILE A 207 -9.93 -16.68 18.44
CA ILE A 207 -10.38 -15.45 17.82
C ILE A 207 -9.59 -15.18 16.54
N SER A 208 -8.27 -15.34 16.60
CA SER A 208 -7.45 -15.10 15.42
C SER A 208 -7.74 -16.11 14.32
N THR A 209 -7.86 -17.38 14.67
CA THR A 209 -8.11 -18.41 13.66
C THR A 209 -9.53 -18.36 13.11
N ALA A 210 -10.47 -17.80 13.86
CA ALA A 210 -11.86 -17.76 13.40
C ALA A 210 -12.04 -16.80 12.22
N SER A 211 -11.06 -15.94 11.95
CA SER A 211 -11.16 -14.97 10.86
C SER A 211 -9.77 -14.76 10.27
N GLY A 212 -9.73 -14.06 9.14
CA GLY A 212 -8.49 -13.82 8.44
C GLY A 212 -8.16 -14.93 7.46
N ASP A 213 -7.96 -14.58 6.21
CA ASP A 213 -7.65 -15.56 5.16
C ASP A 213 -6.14 -15.77 5.04
N GLY A 214 -5.49 -16.07 6.16
CA GLY A 214 -4.05 -16.27 6.16
C GLY A 214 -3.25 -15.06 5.78
N ARG A 215 -3.80 -13.86 5.95
CA ARG A 215 -3.10 -12.63 5.60
C ARG A 215 -2.43 -11.97 6.80
N HIS A 216 -2.81 -12.36 8.02
CA HIS A 216 -2.16 -11.86 9.23
C HIS A 216 -2.28 -12.93 10.30
N TYR A 217 -1.24 -13.05 11.11
CA TYR A 217 -1.13 -14.15 12.07
C TYR A 217 -0.95 -13.58 13.47
N CYS A 218 -1.16 -14.44 14.47
CA CYS A 218 -1.01 -14.09 15.88
C CYS A 218 0.13 -14.89 16.46
N TYR A 219 0.99 -14.23 17.24
CA TYR A 219 2.17 -14.84 17.86
C TYR A 219 2.02 -14.73 19.38
N PRO A 220 1.51 -15.76 20.04
CA PRO A 220 1.32 -15.68 21.49
C PRO A 220 2.63 -15.91 22.22
N HIS A 221 2.95 -15.02 23.17
CA HIS A 221 4.17 -15.12 23.94
C HIS A 221 3.86 -14.92 25.42
N PHE A 222 4.57 -15.67 26.26
CA PHE A 222 4.42 -15.60 27.70
C PHE A 222 5.58 -14.81 28.28
N THR A 223 5.27 -13.74 29.02
CA THR A 223 6.29 -12.88 29.59
C THR A 223 6.03 -12.66 31.07
N CYS A 224 7.11 -12.49 31.82
CA CYS A 224 7.02 -12.16 33.23
C CYS A 224 7.17 -10.65 33.42
N ALA A 225 7.28 -10.22 34.67
CA ALA A 225 7.45 -8.80 34.95
C ALA A 225 8.72 -8.25 34.33
N VAL A 226 9.83 -8.99 34.43
CA VAL A 226 11.11 -8.58 33.88
C VAL A 226 11.59 -9.68 32.93
N ASP A 227 11.91 -9.30 31.70
CA ASP A 227 12.39 -10.25 30.71
C ASP A 227 13.10 -9.48 29.61
N THR A 228 14.41 -9.70 29.47
CA THR A 228 15.17 -9.06 28.41
C THR A 228 14.86 -9.65 27.03
N GLU A 229 14.13 -10.76 26.96
CA GLU A 229 13.87 -11.44 25.71
C GLU A 229 12.69 -10.85 24.94
N ASN A 230 11.94 -9.91 25.53
CA ASN A 230 10.78 -9.35 24.86
C ASN A 230 11.18 -8.67 23.56
N ALA A 231 12.29 -7.92 23.57
CA ALA A 231 12.77 -7.33 22.32
C ALA A 231 13.16 -8.40 21.33
N ARG A 232 13.79 -9.48 21.81
CA ARG A 232 14.14 -10.58 20.91
C ARG A 232 12.90 -11.25 20.34
N ARG A 233 11.87 -11.45 21.17
CA ARG A 233 10.64 -12.08 20.69
C ARG A 233 9.99 -11.24 19.61
N ILE A 234 9.96 -9.92 19.78
CA ILE A 234 9.38 -9.04 18.78
C ILE A 234 10.24 -9.06 17.51
N PHE A 235 11.56 -9.10 17.67
CA PHE A 235 12.43 -9.18 16.51
C PHE A 235 12.22 -10.48 15.76
N ASN A 236 12.10 -11.60 16.48
CA ASN A 236 11.85 -12.87 15.83
C ASN A 236 10.52 -12.88 15.09
N ASP A 237 9.47 -12.33 15.72
CA ASP A 237 8.17 -12.29 15.08
C ASP A 237 8.17 -11.34 13.88
N CYS A 238 8.71 -10.14 14.06
CA CYS A 238 8.83 -9.23 12.94
C CYS A 238 9.65 -9.84 11.82
N LYS A 239 10.67 -10.63 12.16
CA LYS A 239 11.41 -11.35 11.14
C LYS A 239 10.50 -12.33 10.40
N ASP A 240 9.66 -13.05 11.14
CA ASP A 240 8.74 -13.99 10.51
C ASP A 240 7.55 -13.29 9.87
N ILE A 241 7.15 -12.13 10.39
CA ILE A 241 6.01 -11.42 9.83
C ILE A 241 6.36 -10.86 8.45
N ILE A 242 7.57 -10.30 8.31
CA ILE A 242 8.00 -9.83 7.00
C ILE A 242 8.44 -10.97 6.10
N LEU A 243 8.82 -12.11 6.67
CA LEU A 243 9.11 -13.28 5.84
C LEU A 243 7.87 -13.69 5.05
N GLN A 244 6.71 -13.71 5.71
CA GLN A 244 5.47 -13.98 5.00
C GLN A 244 5.21 -12.91 3.94
N MET A 245 5.49 -11.65 4.27
CA MET A 245 5.33 -10.58 3.30
C MET A 245 6.26 -10.79 2.11
N ASN A 246 7.50 -11.18 2.37
CA ASN A 246 8.44 -11.42 1.27
C ASN A 246 7.99 -12.60 0.41
N LEU A 247 7.50 -13.67 1.04
CA LEU A 247 7.02 -14.81 0.27
C LEU A 247 5.87 -14.41 -0.65
N ARG A 248 4.93 -13.63 -0.13
CA ARG A 248 3.81 -13.18 -0.95
C ARG A 248 4.30 -12.32 -2.12
N GLU A 249 5.24 -11.42 -1.84
CA GLU A 249 5.78 -10.57 -2.90
C GLU A 249 6.52 -11.39 -3.94
N TYR A 250 7.26 -12.41 -3.51
CA TYR A 250 8.03 -13.26 -4.41
C TYR A 250 7.17 -14.30 -5.11
N ASN A 251 5.85 -14.25 -4.93
CA ASN A 251 4.90 -15.15 -5.59
C ASN A 251 4.97 -16.58 -5.04
N LEU A 252 5.73 -16.80 -3.96
CA LEU A 252 5.65 -18.08 -3.27
C LEU A 252 4.38 -18.19 -2.44
N VAL A 253 3.94 -17.09 -1.84
CA VAL A 253 2.71 -17.08 -1.07
C VAL A 253 2.73 -18.18 -0.01
N GLU B 21 -37.27 16.21 29.86
CA GLU B 21 -36.90 17.66 29.80
C GLU B 21 -36.33 18.02 28.43
N ALA B 22 -35.30 17.27 28.01
CA ALA B 22 -34.68 17.53 26.72
C ALA B 22 -35.51 17.03 25.55
N GLU B 23 -36.34 16.01 25.75
CA GLU B 23 -37.17 15.52 24.66
C GLU B 23 -38.14 16.58 24.17
N GLN B 24 -38.67 17.39 25.10
CA GLN B 24 -39.57 18.47 24.70
C GLN B 24 -38.85 19.48 23.81
N LEU B 25 -37.63 19.86 24.18
CA LEU B 25 -36.88 20.80 23.36
C LEU B 25 -36.53 20.21 22.01
N LYS B 26 -36.15 18.94 21.97
CA LYS B 26 -35.87 18.28 20.69
C LYS B 26 -37.10 18.26 19.81
N ASN B 27 -38.26 17.94 20.38
CA ASN B 27 -39.50 17.94 19.61
C ASN B 27 -39.82 19.33 19.10
N GLN B 28 -39.63 20.35 19.93
CA GLN B 28 -39.89 21.72 19.49
C GLN B 28 -38.98 22.09 18.33
N ILE B 29 -37.70 21.73 18.42
CA ILE B 29 -36.76 22.05 17.35
C ILE B 29 -37.15 21.34 16.06
N ARG B 30 -37.50 20.06 16.17
CA ARG B 30 -37.91 19.31 14.98
C ARG B 30 -39.15 19.92 14.35
N ASP B 31 -40.14 20.28 15.18
CA ASP B 31 -41.37 20.87 14.66
C ASP B 31 -41.08 22.21 13.99
N ALA B 32 -40.21 23.03 14.58
CA ALA B 32 -39.86 24.31 13.95
C ALA B 32 -39.18 24.08 12.62
N ARG B 33 -38.26 23.10 12.55
CA ARG B 33 -37.60 22.81 11.28
C ARG B 33 -38.61 22.37 10.24
N LYS B 34 -39.55 21.49 10.61
CA LYS B 34 -40.57 21.05 9.66
C LYS B 34 -41.43 22.22 9.19
N ALA B 35 -41.81 23.10 10.11
CA ALA B 35 -42.61 24.27 9.73
C ALA B 35 -41.86 25.16 8.76
N CYS B 36 -40.56 25.36 9.00
CA CYS B 36 -39.76 26.16 8.08
C CYS B 36 -39.50 25.46 6.76
N ALA B 37 -39.79 24.16 6.67
CA ALA B 37 -39.57 23.39 5.45
C ALA B 37 -40.86 23.30 4.67
N ASP B 38 -40.84 23.78 3.43
CA ASP B 38 -42.00 23.74 2.54
C ASP B 38 -41.75 22.92 1.29
N ALA B 39 -40.64 23.18 0.60
CA ALA B 39 -40.28 22.42 -0.59
C ALA B 39 -38.79 22.10 -0.54
N THR B 40 -38.45 20.87 -0.94
CA THR B 40 -37.05 20.45 -0.93
C THR B 40 -36.28 21.11 -2.06
N LEU B 41 -34.96 21.20 -1.88
CA LEU B 41 -34.11 21.77 -2.92
C LEU B 41 -34.18 20.95 -4.20
N SER B 42 -34.26 19.62 -4.08
CA SER B 42 -34.42 18.78 -5.26
C SER B 42 -35.67 19.15 -6.03
N GLN B 43 -36.78 19.42 -5.34
CA GLN B 43 -38.03 19.73 -6.01
C GLN B 43 -37.92 21.00 -6.83
N ILE B 44 -37.27 22.04 -6.30
CA ILE B 44 -37.21 23.31 -6.99
C ILE B 44 -35.98 23.44 -7.88
N THR B 45 -35.10 22.43 -7.91
CA THR B 45 -33.93 22.51 -8.77
C THR B 45 -34.16 21.92 -10.15
N ASN B 46 -35.40 21.56 -10.49
CA ASN B 46 -35.68 21.00 -11.81
C ASN B 46 -35.62 22.03 -12.93
N ASN B 47 -35.69 23.32 -12.61
CA ASN B 47 -35.72 24.35 -13.64
C ASN B 47 -34.32 24.78 -14.10
N ILE B 48 -33.26 24.24 -13.52
CA ILE B 48 -31.90 24.59 -13.88
C ILE B 48 -31.27 23.43 -14.64
N ASP B 49 -30.65 23.74 -15.77
CA ASP B 49 -30.01 22.72 -16.57
C ASP B 49 -28.80 22.14 -15.83
N PRO B 50 -28.41 20.91 -16.14
CA PRO B 50 -27.29 20.29 -15.43
C PRO B 50 -25.95 20.82 -15.92
N VAL B 51 -24.94 20.61 -15.08
CA VAL B 51 -23.58 21.04 -15.43
C VAL B 51 -23.04 20.18 -16.57
N GLY B 52 -23.35 18.88 -16.55
CA GLY B 52 -22.85 17.95 -17.54
C GLY B 52 -21.52 17.34 -17.14
N ARG B 53 -21.14 16.31 -17.90
CA ARG B 53 -19.90 15.60 -17.62
C ARG B 53 -18.72 16.56 -17.63
N ILE B 54 -17.84 16.42 -16.65
CA ILE B 54 -16.65 17.25 -16.51
C ILE B 54 -15.44 16.34 -16.66
N GLN B 55 -14.66 16.56 -17.71
CA GLN B 55 -13.48 15.75 -17.99
C GLN B 55 -12.22 16.39 -17.38
N MET B 56 -12.20 16.41 -16.04
CA MET B 56 -11.08 16.97 -15.34
C MET B 56 -9.84 16.13 -15.55
N ARG B 57 -8.70 16.79 -15.76
CA ARG B 57 -7.45 16.14 -16.10
C ARG B 57 -6.38 16.49 -15.07
N THR B 58 -5.44 15.57 -14.87
CA THR B 58 -4.34 15.79 -13.94
C THR B 58 -3.31 16.70 -14.57
N ARG B 59 -3.17 17.91 -14.04
CA ARG B 59 -2.18 18.85 -14.54
C ARG B 59 -0.83 18.71 -13.85
N ARG B 60 -0.80 18.17 -12.64
CA ARG B 60 0.45 17.94 -11.92
C ARG B 60 0.30 16.70 -11.06
N THR B 61 1.42 16.04 -10.79
CA THR B 61 1.48 14.92 -9.87
C THR B 61 2.62 15.19 -8.89
N LEU B 62 2.27 15.63 -7.68
CA LEU B 62 3.24 16.10 -6.71
C LEU B 62 3.73 14.95 -5.83
N ARG B 63 4.39 13.99 -6.47
CA ARG B 63 4.98 12.88 -5.75
C ARG B 63 6.19 13.34 -4.96
N GLY B 64 6.54 12.60 -3.91
CA GLY B 64 7.64 13.00 -3.05
C GLY B 64 7.43 12.64 -1.59
N HIS B 65 6.21 12.26 -1.23
CA HIS B 65 5.95 11.78 0.12
C HIS B 65 6.31 10.30 0.23
N LEU B 66 7.01 9.96 1.32
CA LEU B 66 7.46 8.58 1.51
C LEU B 66 6.32 7.66 1.90
N ALA B 67 5.31 8.16 2.61
CA ALA B 67 4.22 7.34 3.10
C ALA B 67 2.90 8.00 2.74
N LYS B 68 1.81 7.42 3.23
CA LYS B 68 0.47 7.89 2.89
C LYS B 68 0.26 9.33 3.35
N ILE B 69 -0.32 10.14 2.47
CA ILE B 69 -0.68 11.52 2.80
C ILE B 69 -2.00 11.51 3.56
N TYR B 70 -2.07 12.33 4.61
CA TYR B 70 -3.26 12.38 5.45
C TYR B 70 -3.95 13.73 5.46
N ALA B 71 -3.31 14.78 4.96
CA ALA B 71 -3.95 16.09 4.91
C ALA B 71 -3.12 17.02 4.02
N MET B 72 -3.79 18.03 3.48
CA MET B 72 -3.13 19.05 2.68
C MET B 72 -3.96 20.32 2.74
N HIS B 73 -3.32 21.44 2.41
CA HIS B 73 -4.02 22.71 2.40
C HIS B 73 -3.37 23.64 1.37
N TRP B 74 -4.18 24.52 0.79
CA TRP B 74 -3.69 25.48 -0.17
C TRP B 74 -3.35 26.80 0.50
N GLY B 75 -2.34 27.48 -0.04
CA GLY B 75 -2.08 28.83 0.38
C GLY B 75 -3.10 29.81 -0.18
N THR B 76 -3.21 30.95 0.48
CA THR B 76 -4.15 31.96 0.00
C THR B 76 -3.79 32.45 -1.39
N ASP B 77 -2.50 32.38 -1.74
CA ASP B 77 -2.06 32.77 -3.08
C ASP B 77 -2.43 31.74 -4.14
N SER B 78 -2.95 30.58 -3.75
CA SER B 78 -3.42 29.54 -4.66
C SER B 78 -2.28 28.89 -5.44
N ARG B 79 -1.04 29.20 -5.11
CA ARG B 79 0.12 28.62 -5.77
C ARG B 79 0.81 27.59 -4.89
N LEU B 80 1.10 27.94 -3.64
CA LEU B 80 1.74 27.03 -2.71
C LEU B 80 0.69 26.13 -2.06
N LEU B 81 1.13 24.94 -1.65
CA LEU B 81 0.26 24.04 -0.90
C LEU B 81 1.09 23.17 0.02
N VAL B 82 0.65 23.04 1.26
CA VAL B 82 1.34 22.25 2.28
C VAL B 82 0.61 20.92 2.43
N SER B 83 1.38 19.83 2.44
CA SER B 83 0.82 18.49 2.50
C SER B 83 1.57 17.68 3.55
N ALA B 84 0.80 16.98 4.40
CA ALA B 84 1.35 16.22 5.52
C ALA B 84 1.18 14.73 5.28
N SER B 85 2.25 13.97 5.56
CA SER B 85 2.21 12.53 5.39
C SER B 85 2.68 11.86 6.67
N GLN B 86 2.28 10.59 6.83
CA GLN B 86 2.56 9.85 8.05
C GLN B 86 4.04 9.54 8.25
N ASP B 87 4.88 9.76 7.24
CA ASP B 87 6.31 9.56 7.42
C ASP B 87 6.97 10.69 8.20
N GLY B 88 6.18 11.57 8.81
CA GLY B 88 6.74 12.68 9.56
C GLY B 88 7.14 13.86 8.71
N LYS B 89 6.68 13.91 7.47
CA LYS B 89 7.08 14.95 6.53
C LYS B 89 5.91 15.88 6.24
N LEU B 90 6.22 17.17 6.14
CA LEU B 90 5.25 18.22 5.83
C LEU B 90 5.88 19.04 4.71
N ILE B 91 5.46 18.78 3.48
CA ILE B 91 6.13 19.32 2.30
C ILE B 91 5.30 20.47 1.74
N ILE B 92 5.97 21.58 1.44
CA ILE B 92 5.33 22.75 0.85
C ILE B 92 5.70 22.79 -0.63
N TRP B 93 4.73 22.50 -1.49
CA TRP B 93 4.94 22.43 -2.92
C TRP B 93 4.56 23.74 -3.57
N ASP B 94 5.32 24.13 -4.59
CA ASP B 94 4.91 25.17 -5.53
C ASP B 94 4.15 24.49 -6.65
N SER B 95 2.82 24.54 -6.60
CA SER B 95 2.00 23.74 -7.49
C SER B 95 2.28 24.01 -8.96
N TYR B 96 2.65 25.25 -9.31
CA TYR B 96 2.86 25.57 -10.72
C TYR B 96 4.06 24.84 -11.29
N THR B 97 5.18 24.81 -10.57
CA THR B 97 6.41 24.21 -11.06
C THR B 97 6.67 22.81 -10.51
N THR B 98 5.90 22.37 -9.52
CA THR B 98 6.05 21.08 -8.84
C THR B 98 7.24 21.08 -7.88
N ASN B 99 8.03 22.14 -7.83
CA ASN B 99 9.16 22.19 -6.91
C ASN B 99 8.68 22.18 -5.47
N LYS B 100 9.50 21.60 -4.60
CA LYS B 100 9.24 21.61 -3.17
C LYS B 100 10.00 22.77 -2.54
N VAL B 101 9.27 23.66 -1.87
CA VAL B 101 9.89 24.84 -1.30
C VAL B 101 10.41 24.58 0.12
N HIS B 102 9.77 23.68 0.86
CA HIS B 102 10.26 23.25 2.15
C HIS B 102 9.82 21.82 2.39
N ALA B 103 10.58 21.11 3.22
CA ALA B 103 10.21 19.76 3.66
C ALA B 103 10.45 19.71 5.16
N ILE B 104 9.45 20.11 5.93
CA ILE B 104 9.56 20.18 7.38
C ILE B 104 9.54 18.76 7.93
N PRO B 105 10.56 18.34 8.70
CA PRO B 105 10.50 17.05 9.37
C PRO B 105 9.81 17.19 10.72
N LEU B 106 8.74 16.44 10.94
CA LEU B 106 7.95 16.57 12.15
C LEU B 106 8.58 15.76 13.27
N ARG B 107 8.39 16.26 14.51
CA ARG B 107 8.89 15.54 15.67
C ARG B 107 8.09 14.25 15.91
N SER B 108 6.80 14.26 15.60
CA SER B 108 5.95 13.09 15.70
C SER B 108 5.56 12.67 14.29
N SER B 109 5.80 11.40 13.97
CA SER B 109 5.59 10.93 12.59
C SER B 109 4.12 10.83 12.25
N TRP B 110 3.23 10.73 13.24
CA TRP B 110 1.82 10.49 13.00
C TRP B 110 1.04 11.79 12.90
N VAL B 111 1.25 12.53 11.81
CA VAL B 111 0.51 13.77 11.59
C VAL B 111 -0.80 13.46 10.89
N MET B 112 -1.90 14.03 11.41
CA MET B 112 -3.22 13.80 10.87
C MET B 112 -3.85 15.03 10.24
N THR B 113 -3.22 16.20 10.33
CA THR B 113 -3.78 17.41 9.76
C THR B 113 -2.67 18.40 9.49
N CYS B 114 -2.95 19.35 8.60
CA CYS B 114 -2.04 20.46 8.34
C CYS B 114 -2.88 21.65 7.90
N ALA B 115 -2.30 22.83 8.05
CA ALA B 115 -2.99 24.07 7.75
C ALA B 115 -1.97 25.11 7.31
N TYR B 116 -2.35 25.90 6.31
CA TYR B 116 -1.53 26.97 5.77
C TYR B 116 -2.11 28.30 6.25
N ALA B 117 -1.28 29.12 6.89
CA ALA B 117 -1.76 30.38 7.41
C ALA B 117 -2.25 31.27 6.29
N PRO B 118 -3.33 32.03 6.50
CA PRO B 118 -3.83 32.88 5.41
C PRO B 118 -2.81 33.87 4.89
N SER B 119 -1.93 34.37 5.76
CA SER B 119 -0.83 35.23 5.32
C SER B 119 0.29 34.46 4.65
N GLY B 120 0.33 33.13 4.80
CA GLY B 120 1.36 32.33 4.19
C GLY B 120 2.67 32.27 4.95
N ASN B 121 2.74 32.87 6.13
CA ASN B 121 3.98 32.86 6.91
C ASN B 121 4.12 31.61 7.77
N TYR B 122 3.03 31.10 8.32
CA TYR B 122 3.08 29.98 9.24
C TYR B 122 2.39 28.77 8.64
N VAL B 123 2.70 27.60 9.20
CA VAL B 123 2.07 26.34 8.83
C VAL B 123 1.87 25.52 10.09
N ALA B 124 0.65 25.07 10.32
CA ALA B 124 0.32 24.28 11.50
C ALA B 124 0.17 22.81 11.12
N CYS B 125 0.46 21.93 12.07
CA CYS B 125 0.25 20.50 11.85
C CYS B 125 -0.05 19.83 13.19
N GLY B 126 -1.03 18.93 13.18
CA GLY B 126 -1.41 18.21 14.38
C GLY B 126 -1.01 16.76 14.33
N GLY B 127 -1.87 15.87 14.81
CA GLY B 127 -1.65 14.44 14.73
C GLY B 127 -1.96 13.74 16.04
N LEU B 128 -1.48 12.51 16.14
CA LEU B 128 -1.68 11.70 17.33
C LEU B 128 -0.87 12.20 18.52
N ASP B 129 0.03 13.16 18.32
CA ASP B 129 0.78 13.73 19.43
C ASP B 129 -0.10 14.55 20.37
N ASN B 130 -1.34 14.85 19.98
CA ASN B 130 -2.23 15.71 20.74
C ASN B 130 -1.69 17.12 20.88
N ILE B 131 -0.83 17.53 19.95
CA ILE B 131 -0.13 18.81 20.01
C ILE B 131 -0.11 19.41 18.62
N CYS B 132 -0.35 20.72 18.55
CA CYS B 132 -0.37 21.44 17.29
C CYS B 132 0.93 22.22 17.15
N SER B 133 1.76 21.84 16.19
CA SER B 133 3.06 22.48 15.98
C SER B 133 2.88 23.55 14.91
N ILE B 134 3.26 24.78 15.23
CA ILE B 134 3.17 25.92 14.33
C ILE B 134 4.59 26.27 13.90
N TYR B 135 4.87 26.08 12.61
CA TYR B 135 6.18 26.36 12.03
C TYR B 135 6.14 27.73 11.35
N ASN B 136 7.26 28.45 11.44
CA ASN B 136 7.41 29.72 10.75
C ASN B 136 8.19 29.50 9.46
N LEU B 137 7.63 29.98 8.35
CA LEU B 137 8.30 29.87 7.05
C LEU B 137 9.15 31.10 6.77
N LYS B 138 8.54 32.29 6.79
CA LYS B 138 9.27 33.55 6.60
C LYS B 138 10.03 33.85 7.88
N THR B 139 11.21 33.23 8.00
CA THR B 139 12.06 33.38 9.17
C THR B 139 13.41 33.93 8.75
N ARG B 140 13.95 34.84 9.57
CA ARG B 140 15.20 35.50 9.23
C ARG B 140 16.36 34.50 9.18
N GLU B 141 16.32 33.46 10.02
CA GLU B 141 17.37 32.45 9.99
C GLU B 141 17.43 31.73 8.66
N GLY B 142 16.35 31.72 7.89
CA GLY B 142 16.30 31.04 6.62
C GLY B 142 15.93 29.57 6.71
N ASN B 143 15.81 29.02 7.91
CA ASN B 143 15.44 27.62 8.11
C ASN B 143 14.18 27.55 8.96
N VAL B 144 13.22 26.75 8.50
CA VAL B 144 11.93 26.64 9.20
C VAL B 144 12.12 25.90 10.52
N ARG B 145 11.55 26.46 11.58
CA ARG B 145 11.62 25.87 12.91
C ARG B 145 10.25 25.94 13.55
N VAL B 146 10.07 25.17 14.62
CA VAL B 146 8.79 25.15 15.31
C VAL B 146 8.63 26.47 16.05
N SER B 147 7.85 27.39 15.49
CA SER B 147 7.64 28.67 16.15
C SER B 147 6.89 28.48 17.46
N ARG B 148 5.87 27.63 17.47
CA ARG B 148 5.07 27.42 18.67
C ARG B 148 4.66 25.95 18.73
N GLU B 149 4.40 25.49 19.96
CA GLU B 149 3.97 24.11 20.20
C GLU B 149 2.75 24.18 21.11
N LEU B 150 1.57 24.31 20.51
CA LEU B 150 0.34 24.47 21.27
C LEU B 150 -0.09 23.11 21.84
N ALA B 151 -0.22 23.04 23.16
CA ALA B 151 -0.65 21.84 23.86
C ALA B 151 -1.81 22.18 24.77
N GLY B 152 -2.59 21.15 25.10
CA GLY B 152 -3.77 21.33 25.94
C GLY B 152 -4.91 20.42 25.55
N HIS B 153 -4.81 19.78 24.40
CA HIS B 153 -5.81 18.80 24.00
C HIS B 153 -5.47 17.44 24.61
N THR B 154 -6.49 16.72 25.06
CA THR B 154 -6.31 15.43 25.70
C THR B 154 -6.56 14.27 24.74
N GLY B 155 -6.46 14.52 23.43
CA GLY B 155 -6.65 13.48 22.44
C GLY B 155 -6.00 13.88 21.14
N TYR B 156 -6.00 12.94 20.20
CA TYR B 156 -5.39 13.19 18.90
C TYR B 156 -6.04 14.40 18.25
N LEU B 157 -5.22 15.25 17.65
CA LEU B 157 -5.65 16.50 17.05
C LEU B 157 -5.97 16.22 15.58
N SER B 158 -7.23 16.42 15.20
CA SER B 158 -7.71 15.97 13.90
C SER B 158 -7.96 17.09 12.89
N CYS B 159 -7.89 18.36 13.29
CA CYS B 159 -8.00 19.42 12.31
C CYS B 159 -7.42 20.73 12.86
N CYS B 160 -6.77 21.48 11.98
CA CYS B 160 -6.22 22.80 12.28
C CYS B 160 -6.68 23.79 11.22
N ARG B 161 -7.02 25.00 11.64
CA ARG B 161 -7.36 26.04 10.68
C ARG B 161 -6.99 27.41 11.24
N PHE B 162 -6.16 28.15 10.51
CA PHE B 162 -5.78 29.48 10.95
C PHE B 162 -6.90 30.47 10.72
N LEU B 163 -7.07 31.38 11.67
CA LEU B 163 -7.89 32.57 11.48
C LEU B 163 -7.05 33.78 11.13
N ASP B 164 -5.81 33.83 11.61
CA ASP B 164 -4.84 34.86 11.29
C ASP B 164 -3.49 34.35 11.77
N ASP B 165 -2.47 35.21 11.73
CA ASP B 165 -1.16 34.79 12.21
C ASP B 165 -1.12 34.60 13.72
N ASN B 166 -2.14 35.05 14.44
CA ASN B 166 -2.15 34.96 15.90
C ASN B 166 -3.27 34.10 16.46
N GLN B 167 -4.12 33.51 15.61
CA GLN B 167 -5.19 32.64 16.07
C GLN B 167 -5.21 31.37 15.24
N ILE B 168 -5.67 30.29 15.85
CA ILE B 168 -5.81 29.01 15.16
C ILE B 168 -6.83 28.17 15.92
N VAL B 169 -7.77 27.58 15.18
CA VAL B 169 -8.79 26.70 15.74
C VAL B 169 -8.35 25.28 15.49
N THR B 170 -8.23 24.50 16.55
CA THR B 170 -7.82 23.10 16.45
C THR B 170 -8.92 22.24 17.05
N SER B 171 -9.42 21.29 16.27
CA SER B 171 -10.41 20.33 16.73
C SER B 171 -9.73 18.98 16.94
N SER B 172 -9.90 18.43 18.13
CA SER B 172 -9.18 17.23 18.54
C SER B 172 -10.15 16.07 18.74
N GLY B 173 -9.58 14.90 19.01
CA GLY B 173 -10.36 13.70 19.22
C GLY B 173 -10.92 13.52 20.61
N ASP B 174 -10.67 14.46 21.52
CA ASP B 174 -11.26 14.44 22.84
C ASP B 174 -12.65 15.05 22.85
N THR B 175 -13.30 15.17 21.69
CA THR B 175 -14.65 15.69 21.57
C THR B 175 -14.71 17.18 21.87
N THR B 176 -13.68 17.93 21.48
CA THR B 176 -13.66 19.37 21.70
C THR B 176 -12.90 20.05 20.58
N CYS B 177 -13.18 21.34 20.42
CA CYS B 177 -12.38 22.25 19.61
C CYS B 177 -11.82 23.32 20.53
N ALA B 178 -10.83 24.07 20.03
CA ALA B 178 -10.19 25.07 20.86
C ALA B 178 -9.62 26.17 19.98
N LEU B 179 -9.96 27.41 20.30
CA LEU B 179 -9.37 28.57 19.66
C LEU B 179 -8.19 29.03 20.50
N TRP B 180 -6.99 28.96 19.90
CA TRP B 180 -5.73 29.21 20.59
C TRP B 180 -5.29 30.66 20.37
N ASP B 181 -4.06 30.95 20.80
CA ASP B 181 -3.43 32.24 20.52
C ASP B 181 -1.93 31.98 20.47
N ILE B 182 -1.37 32.00 19.26
CA ILE B 182 0.01 31.57 19.07
C ILE B 182 0.96 32.43 19.89
N GLU B 183 0.71 33.74 19.94
CA GLU B 183 1.63 34.64 20.61
C GLU B 183 1.84 34.25 22.07
N THR B 184 0.74 33.98 22.78
CA THR B 184 0.82 33.56 24.18
C THR B 184 0.89 32.05 24.35
N GLY B 185 0.40 31.28 23.38
CA GLY B 185 0.68 29.87 23.33
C GLY B 185 -0.21 28.96 24.15
N GLN B 186 -1.42 29.41 24.52
CA GLN B 186 -2.35 28.56 25.25
C GLN B 186 -3.77 28.91 24.84
N GLN B 187 -4.70 28.04 25.25
CA GLN B 187 -6.07 28.13 24.80
C GLN B 187 -6.69 29.48 25.12
N THR B 188 -7.42 30.04 24.16
CA THR B 188 -8.18 31.26 24.39
C THR B 188 -9.66 30.98 24.62
N THR B 189 -10.22 30.01 23.89
CA THR B 189 -11.55 29.52 24.19
C THR B 189 -11.63 28.04 23.85
N THR B 190 -12.59 27.36 24.48
CA THR B 190 -12.82 25.95 24.25
C THR B 190 -14.28 25.72 23.87
N PHE B 191 -14.46 24.95 22.80
CA PHE B 191 -15.78 24.63 22.26
C PHE B 191 -16.07 23.18 22.61
N THR B 192 -17.02 22.97 23.51
CA THR B 192 -17.42 21.65 23.97
C THR B 192 -18.91 21.45 23.70
N GLY B 193 -19.30 20.17 23.62
CA GLY B 193 -20.67 19.82 23.33
C GLY B 193 -20.78 18.60 22.45
N HIS B 194 -19.70 18.30 21.72
CA HIS B 194 -19.67 17.11 20.90
C HIS B 194 -19.59 15.87 21.78
N THR B 195 -20.27 14.80 21.36
CA THR B 195 -20.24 13.55 22.10
C THR B 195 -19.05 12.68 21.71
N GLY B 196 -18.70 12.66 20.43
CA GLY B 196 -17.59 11.87 19.95
C GLY B 196 -16.42 12.73 19.49
N ASP B 197 -15.49 12.08 18.80
CA ASP B 197 -14.31 12.78 18.30
C ASP B 197 -14.72 13.80 17.25
N VAL B 198 -14.08 14.97 17.28
CA VAL B 198 -14.33 16.03 16.31
C VAL B 198 -13.33 15.81 15.17
N MET B 199 -13.80 15.23 14.06
CA MET B 199 -12.89 14.86 12.99
C MET B 199 -12.37 16.09 12.25
N SER B 200 -13.27 16.86 11.63
CA SER B 200 -12.87 17.96 10.78
C SER B 200 -13.74 19.18 11.04
N LEU B 201 -13.20 20.35 10.71
CA LEU B 201 -13.88 21.61 10.86
C LEU B 201 -13.60 22.48 9.64
N SER B 202 -14.40 23.52 9.46
CA SER B 202 -14.20 24.46 8.38
C SER B 202 -14.59 25.86 8.83
N LEU B 203 -13.69 26.81 8.63
CA LEU B 203 -13.94 28.19 9.00
C LEU B 203 -14.80 28.88 7.95
N ALA B 204 -15.71 29.75 8.41
CA ALA B 204 -16.52 30.52 7.49
C ALA B 204 -15.65 31.53 6.76
N PRO B 205 -16.09 32.01 5.60
CA PRO B 205 -15.28 32.99 4.86
C PRO B 205 -14.91 34.21 5.67
N ASP B 206 -15.81 34.71 6.51
CA ASP B 206 -15.54 35.86 7.35
C ASP B 206 -14.79 35.51 8.63
N THR B 207 -14.58 34.22 8.90
CA THR B 207 -13.87 33.78 10.09
C THR B 207 -14.52 34.34 11.35
N ARG B 208 -15.85 34.42 11.34
CA ARG B 208 -16.62 34.81 12.51
C ARG B 208 -17.35 33.65 13.16
N LEU B 209 -17.43 32.51 12.48
CA LEU B 209 -17.98 31.29 13.05
C LEU B 209 -17.43 30.13 12.25
N PHE B 210 -17.56 28.93 12.81
CA PHE B 210 -17.03 27.74 12.15
C PHE B 210 -17.83 26.52 12.57
N VAL B 211 -17.94 25.57 11.64
CA VAL B 211 -18.68 24.34 11.85
C VAL B 211 -17.70 23.19 11.99
N SER B 212 -17.94 22.34 12.98
CA SER B 212 -17.10 21.18 13.25
C SER B 212 -17.96 19.92 13.22
N GLY B 213 -17.51 18.91 12.49
CA GLY B 213 -18.21 17.64 12.40
C GLY B 213 -17.50 16.59 13.23
N ALA B 214 -18.29 15.86 14.01
CA ALA B 214 -17.77 14.87 14.94
C ALA B 214 -18.25 13.48 14.56
N CYS B 215 -17.81 12.49 15.34
CA CYS B 215 -18.16 11.10 15.11
C CYS B 215 -19.51 10.73 15.72
N ASP B 216 -20.17 11.65 16.42
CA ASP B 216 -21.52 11.43 16.90
C ASP B 216 -22.57 11.74 15.85
N ALA B 217 -22.19 11.76 14.58
CA ALA B 217 -23.12 12.03 13.48
C ALA B 217 -23.82 13.37 13.66
N SER B 218 -23.06 14.40 14.03
CA SER B 218 -23.61 15.73 14.22
C SER B 218 -22.55 16.76 13.93
N ALA B 219 -22.94 17.83 13.23
CA ALA B 219 -22.08 18.95 12.94
C ALA B 219 -22.59 20.19 13.68
N LYS B 220 -21.72 20.84 14.43
CA LYS B 220 -22.11 21.93 15.30
C LYS B 220 -21.44 23.21 14.84
N LEU B 221 -22.20 24.31 14.87
CA LEU B 221 -21.70 25.61 14.48
C LEU B 221 -21.38 26.43 15.74
N TRP B 222 -20.17 26.95 15.81
CA TRP B 222 -19.70 27.70 16.96
C TRP B 222 -19.36 29.12 16.53
N ASP B 223 -19.65 30.08 17.41
CA ASP B 223 -19.15 31.44 17.25
C ASP B 223 -17.78 31.54 17.89
N VAL B 224 -16.76 31.83 17.08
CA VAL B 224 -15.40 31.89 17.60
C VAL B 224 -15.31 32.94 18.71
N ARG B 225 -16.01 34.07 18.53
CA ARG B 225 -15.93 35.14 19.53
C ARG B 225 -16.68 34.76 20.81
N GLU B 226 -17.91 34.25 20.68
CA GLU B 226 -18.69 33.90 21.86
C GLU B 226 -18.19 32.63 22.53
N GLY B 227 -17.56 31.74 21.78
CA GLY B 227 -17.10 30.48 22.34
C GLY B 227 -18.20 29.55 22.76
N MET B 228 -19.31 29.52 22.01
CA MET B 228 -20.44 28.67 22.35
C MET B 228 -21.12 28.22 21.07
N CYS B 229 -21.66 27.00 21.10
CA CYS B 229 -22.38 26.49 19.95
C CYS B 229 -23.61 27.34 19.66
N ARG B 230 -23.93 27.49 18.38
CA ARG B 230 -25.13 28.22 17.96
C ARG B 230 -26.23 27.29 17.47
N GLN B 231 -25.88 26.23 16.74
CA GLN B 231 -26.89 25.29 16.28
C GLN B 231 -26.20 24.01 15.81
N THR B 232 -26.89 22.90 15.98
CA THR B 232 -26.38 21.58 15.63
C THR B 232 -27.26 20.95 14.56
N PHE B 233 -26.63 20.17 13.69
CA PHE B 233 -27.31 19.45 12.62
C PHE B 233 -26.99 17.98 12.75
N THR B 234 -28.02 17.14 12.80
CA THR B 234 -27.84 15.72 13.06
C THR B 234 -28.50 14.86 11.99
N GLY B 235 -28.30 15.22 10.73
CA GLY B 235 -28.88 14.48 9.63
C GLY B 235 -28.12 13.24 9.20
N HIS B 236 -26.97 12.95 9.81
CA HIS B 236 -26.15 11.84 9.39
C HIS B 236 -26.47 10.60 10.21
N GLU B 237 -25.98 9.45 9.73
CA GLU B 237 -26.18 8.18 10.39
C GLU B 237 -24.90 7.58 10.96
N SER B 238 -23.74 8.19 10.69
CA SER B 238 -22.46 7.66 11.17
C SER B 238 -21.51 8.84 11.37
N ASP B 239 -20.23 8.54 11.50
CA ASP B 239 -19.24 9.58 11.76
C ASP B 239 -19.18 10.57 10.61
N ILE B 240 -18.82 11.81 10.93
CA ILE B 240 -18.62 12.85 9.92
C ILE B 240 -17.12 13.01 9.73
N ASN B 241 -16.59 12.41 8.66
CA ASN B 241 -15.15 12.48 8.41
C ASN B 241 -14.73 13.83 7.84
N ALA B 242 -15.60 14.47 7.05
CA ALA B 242 -15.25 15.69 6.35
C ALA B 242 -16.37 16.69 6.47
N ILE B 243 -16.02 17.98 6.34
CA ILE B 243 -16.98 19.06 6.41
C ILE B 243 -16.34 20.29 5.78
N CYS B 244 -17.10 21.04 4.98
CA CYS B 244 -16.60 22.28 4.36
C CYS B 244 -17.57 23.41 4.70
N PHE B 245 -17.63 24.46 3.88
CA PHE B 245 -18.54 25.61 4.10
C PHE B 245 -18.85 26.20 2.72
N PHE B 246 -20.09 26.17 2.28
CA PHE B 246 -20.50 26.76 0.99
C PHE B 246 -19.78 28.09 0.87
N PRO B 247 -19.35 28.50 -0.33
CA PRO B 247 -18.53 29.72 -0.49
C PRO B 247 -19.15 30.96 0.11
N ASN B 248 -20.48 31.09 0.13
CA ASN B 248 -21.09 32.28 0.70
C ASN B 248 -21.19 32.24 2.22
N GLY B 249 -20.88 31.11 2.84
CA GLY B 249 -20.91 31.00 4.29
C GLY B 249 -22.28 30.74 4.88
N ASN B 250 -23.33 30.70 4.07
CA ASN B 250 -24.68 30.47 4.56
C ASN B 250 -25.09 29.01 4.53
N ALA B 251 -24.20 28.11 4.11
CA ALA B 251 -24.48 26.69 4.09
C ALA B 251 -23.17 25.93 4.11
N PHE B 252 -23.25 24.65 4.44
CA PHE B 252 -22.07 23.80 4.48
C PHE B 252 -22.44 22.40 4.06
N ALA B 253 -21.41 21.58 3.82
CA ALA B 253 -21.60 20.21 3.39
C ALA B 253 -20.72 19.29 4.21
N THR B 254 -21.22 18.08 4.44
CA THR B 254 -20.54 17.12 5.29
C THR B 254 -20.50 15.77 4.58
N GLY B 255 -19.49 15.00 4.90
CA GLY B 255 -19.37 13.64 4.39
C GLY B 255 -19.16 12.68 5.54
N SER B 256 -19.84 11.55 5.48
CA SER B 256 -19.86 10.62 6.60
C SER B 256 -19.43 9.24 6.14
N ASP B 257 -19.19 8.37 7.12
CA ASP B 257 -18.80 7.00 6.82
C ASP B 257 -19.87 6.22 6.08
N ASP B 258 -21.12 6.67 6.12
CA ASP B 258 -22.20 5.99 5.42
C ASP B 258 -22.25 6.33 3.92
N ALA B 259 -21.17 6.88 3.37
CA ALA B 259 -21.06 7.09 1.93
C ALA B 259 -22.02 8.16 1.44
N THR B 260 -22.58 8.94 2.36
CA THR B 260 -23.53 9.98 2.00
C THR B 260 -22.95 11.36 2.31
N CYS B 261 -23.12 12.27 1.36
CA CYS B 261 -22.84 13.68 1.60
C CYS B 261 -24.15 14.40 1.91
N ARG B 262 -24.08 15.40 2.77
CA ARG B 262 -25.26 16.13 3.20
C ARG B 262 -24.97 17.62 3.20
N LEU B 263 -25.77 18.37 2.46
CA LEU B 263 -25.69 19.82 2.44
C LEU B 263 -26.75 20.39 3.37
N PHE B 264 -26.28 21.05 4.43
CA PHE B 264 -27.11 21.76 5.38
C PHE B 264 -27.00 23.25 5.14
N ASP B 265 -28.01 23.99 5.60
CA ASP B 265 -27.99 25.44 5.57
C ASP B 265 -28.09 25.99 6.99
N LEU B 266 -27.34 27.05 7.26
CA LEU B 266 -27.35 27.66 8.58
C LEU B 266 -28.71 28.23 8.93
N ARG B 267 -29.32 29.00 8.04
CA ARG B 267 -30.59 29.66 8.30
C ARG B 267 -31.77 28.69 8.30
N ALA B 268 -31.82 27.77 7.33
CA ALA B 268 -32.87 26.76 7.32
C ALA B 268 -32.72 25.76 8.45
N ASP B 269 -31.55 25.69 9.09
CA ASP B 269 -31.35 24.92 10.31
C ASP B 269 -31.39 23.42 10.05
N GLN B 270 -31.62 23.01 8.80
CA GLN B 270 -31.81 21.61 8.49
C GLN B 270 -31.13 21.26 7.18
N GLU B 271 -30.96 19.96 6.96
CA GLU B 271 -30.36 19.46 5.73
C GLU B 271 -31.15 19.97 4.53
N LEU B 272 -30.43 20.49 3.53
CA LEU B 272 -31.03 20.90 2.28
C LEU B 272 -30.96 19.82 1.22
N MET B 273 -29.88 19.04 1.19
CA MET B 273 -29.70 18.06 0.12
C MET B 273 -28.92 16.88 0.64
N THR B 274 -29.11 15.73 -0.03
CA THR B 274 -28.33 14.52 0.23
C THR B 274 -27.79 14.00 -1.09
N TYR B 275 -26.47 13.87 -1.18
CA TYR B 275 -25.81 13.34 -2.35
C TYR B 275 -25.34 11.93 -2.05
N SER B 276 -25.82 10.96 -2.84
CA SER B 276 -25.45 9.57 -2.65
C SER B 276 -25.80 8.80 -3.91
N HIS B 277 -25.21 7.61 -4.03
CA HIS B 277 -25.47 6.71 -5.14
C HIS B 277 -25.58 5.29 -4.62
N ASP B 278 -26.31 4.46 -5.36
CA ASP B 278 -26.47 3.07 -4.95
C ASP B 278 -25.17 2.28 -5.09
N ASN B 279 -24.24 2.73 -5.92
CA ASN B 279 -23.01 2.01 -6.19
C ASN B 279 -21.86 2.38 -5.27
N ILE B 280 -22.08 3.30 -4.33
CA ILE B 280 -21.08 3.68 -3.34
C ILE B 280 -21.53 3.20 -1.98
N ILE B 281 -20.71 2.38 -1.33
CA ILE B 281 -21.01 1.86 -0.01
C ILE B 281 -19.82 2.12 0.91
N CYS B 282 -19.00 3.10 0.55
CA CYS B 282 -17.80 3.45 1.29
C CYS B 282 -17.87 4.90 1.72
N GLY B 283 -17.30 5.18 2.89
CA GLY B 283 -17.47 6.47 3.51
C GLY B 283 -16.70 7.57 2.81
N ILE B 284 -17.06 8.82 3.16
CA ILE B 284 -16.36 9.99 2.66
C ILE B 284 -15.08 10.19 3.45
N THR B 285 -14.15 10.94 2.88
CA THR B 285 -12.91 11.31 3.55
C THR B 285 -12.57 12.78 3.43
N SER B 286 -13.14 13.50 2.47
CA SER B 286 -12.84 14.90 2.28
C SER B 286 -13.84 15.48 1.30
N VAL B 287 -14.36 16.67 1.65
CA VAL B 287 -15.29 17.38 0.79
C VAL B 287 -14.81 18.81 0.62
N SER B 288 -15.16 19.40 -0.52
CA SER B 288 -14.82 20.79 -0.81
C SER B 288 -15.80 21.31 -1.85
N PHE B 289 -15.83 22.63 -1.99
CA PHE B 289 -16.68 23.30 -2.96
C PHE B 289 -15.82 24.04 -3.98
N SER B 290 -16.40 24.26 -5.15
CA SER B 290 -15.76 25.08 -6.16
C SER B 290 -15.96 26.57 -5.85
N LYS B 291 -15.28 27.41 -6.62
CA LYS B 291 -15.34 28.85 -6.37
C LYS B 291 -16.77 29.35 -6.36
N SER B 292 -17.58 28.94 -7.34
CA SER B 292 -18.97 29.38 -7.39
C SER B 292 -19.84 28.64 -6.37
N GLY B 293 -19.40 27.48 -5.89
CA GLY B 293 -20.22 26.65 -5.05
C GLY B 293 -21.17 25.73 -5.80
N ARG B 294 -21.10 25.70 -7.12
CA ARG B 294 -21.99 24.84 -7.90
C ARG B 294 -21.59 23.38 -7.80
N LEU B 295 -20.31 23.10 -7.57
CA LEU B 295 -19.80 21.74 -7.53
C LEU B 295 -19.35 21.41 -6.11
N LEU B 296 -19.58 20.17 -5.71
CA LEU B 296 -19.08 19.64 -4.45
C LEU B 296 -18.23 18.42 -4.76
N LEU B 297 -16.94 18.53 -4.51
CA LEU B 297 -15.99 17.46 -4.78
C LEU B 297 -15.73 16.69 -3.50
N ALA B 298 -16.03 15.39 -3.52
CA ALA B 298 -15.95 14.56 -2.33
C ALA B 298 -15.00 13.40 -2.59
N GLY B 299 -14.08 13.16 -1.66
CA GLY B 299 -13.17 12.03 -1.73
C GLY B 299 -13.75 10.84 -1.00
N TYR B 300 -13.51 9.65 -1.55
CA TYR B 300 -14.11 8.43 -1.04
C TYR B 300 -13.04 7.41 -0.71
N ASP B 301 -13.42 6.43 0.12
CA ASP B 301 -12.55 5.30 0.39
C ASP B 301 -12.43 4.37 -0.80
N ASP B 302 -13.22 4.61 -1.85
CA ASP B 302 -13.22 3.75 -3.02
C ASP B 302 -12.12 4.13 -3.99
N PHE B 303 -11.08 4.79 -3.49
CA PHE B 303 -9.87 5.12 -4.25
C PHE B 303 -10.10 6.20 -5.30
N ASN B 304 -11.25 6.87 -5.27
CA ASN B 304 -11.60 7.86 -6.27
C ASN B 304 -12.44 8.95 -5.64
N CYS B 305 -12.52 10.09 -6.32
CA CYS B 305 -13.30 11.24 -5.88
C CYS B 305 -14.39 11.53 -6.90
N ASN B 306 -15.52 12.05 -6.41
CA ASN B 306 -16.67 12.32 -7.25
C ASN B 306 -17.05 13.80 -7.15
N VAL B 307 -17.44 14.36 -8.29
CA VAL B 307 -17.94 15.74 -8.35
C VAL B 307 -19.45 15.69 -8.43
N TRP B 308 -20.12 16.42 -7.55
CA TRP B 308 -21.57 16.44 -7.45
C TRP B 308 -22.09 17.82 -7.80
N ASP B 309 -23.17 17.87 -8.58
CA ASP B 309 -23.85 19.14 -8.79
C ASP B 309 -24.49 19.57 -7.48
N ALA B 310 -23.96 20.63 -6.87
CA ALA B 310 -24.40 21.03 -5.54
C ALA B 310 -25.89 21.31 -5.51
N LEU B 311 -26.48 21.67 -6.65
CA LEU B 311 -27.90 22.00 -6.69
C LEU B 311 -28.76 20.85 -7.18
N LYS B 312 -28.19 19.90 -7.92
CA LYS B 312 -28.96 18.78 -8.47
C LYS B 312 -28.48 17.42 -7.98
N ALA B 313 -27.34 17.34 -7.28
CA ALA B 313 -26.85 16.08 -6.75
C ALA B 313 -26.66 15.04 -7.85
N ASP B 314 -25.90 15.42 -8.88
CA ASP B 314 -25.59 14.56 -10.00
C ASP B 314 -24.07 14.43 -10.13
N ARG B 315 -23.61 13.21 -10.36
CA ARG B 315 -22.17 12.94 -10.42
C ARG B 315 -21.63 13.48 -11.74
N ALA B 316 -21.30 14.78 -11.72
CA ALA B 316 -20.79 15.46 -12.91
C ALA B 316 -19.28 15.23 -13.06
N GLY B 317 -18.91 13.96 -13.12
CA GLY B 317 -17.54 13.57 -13.32
C GLY B 317 -17.01 12.74 -12.14
N VAL B 318 -15.86 12.12 -12.38
CA VAL B 318 -15.18 11.31 -11.37
C VAL B 318 -13.68 11.49 -11.57
N LEU B 319 -12.98 11.85 -10.50
CA LEU B 319 -11.53 12.06 -10.56
C LEU B 319 -10.77 10.82 -10.10
N ALA B 320 -10.98 9.71 -10.80
CA ALA B 320 -10.24 8.49 -10.49
C ALA B 320 -8.78 8.67 -10.92
N GLY B 321 -7.91 7.83 -10.36
CA GLY B 321 -6.49 7.93 -10.66
C GLY B 321 -5.59 7.76 -9.46
N HIS B 322 -6.16 7.41 -8.31
CA HIS B 322 -5.39 7.15 -7.10
C HIS B 322 -5.38 5.66 -6.80
N ASP B 323 -4.18 5.14 -6.54
CA ASP B 323 -4.00 3.74 -6.22
C ASP B 323 -4.44 3.40 -4.80
N ASN B 324 -4.72 4.40 -3.97
CA ASN B 324 -5.21 4.18 -2.62
C ASN B 324 -6.26 5.24 -2.32
N ARG B 325 -6.88 5.11 -1.15
CA ARG B 325 -8.03 5.95 -0.84
C ARG B 325 -7.62 7.43 -0.80
N VAL B 326 -8.52 8.29 -1.26
CA VAL B 326 -8.30 9.72 -1.17
C VAL B 326 -8.52 10.17 0.27
N SER B 327 -7.50 10.80 0.85
CA SER B 327 -7.56 11.22 2.25
C SER B 327 -7.75 12.72 2.42
N CYS B 328 -7.45 13.53 1.41
CA CYS B 328 -7.61 14.97 1.53
C CYS B 328 -7.90 15.56 0.16
N LEU B 329 -8.70 16.62 0.15
CA LEU B 329 -9.07 17.29 -1.09
C LEU B 329 -9.22 18.77 -0.81
N GLY B 330 -8.85 19.58 -1.79
CA GLY B 330 -8.95 21.02 -1.61
C GLY B 330 -8.90 21.82 -2.89
N VAL B 331 -9.85 22.74 -3.05
CA VAL B 331 -9.88 23.62 -4.22
C VAL B 331 -9.13 24.90 -3.89
N THR B 332 -8.41 25.43 -4.87
CA THR B 332 -7.68 26.67 -4.66
C THR B 332 -8.66 27.80 -4.37
N ASP B 333 -8.21 28.79 -3.60
CA ASP B 333 -9.07 29.91 -3.28
C ASP B 333 -9.55 30.65 -4.52
N ASP B 334 -8.73 30.68 -5.58
CA ASP B 334 -9.16 31.26 -6.85
C ASP B 334 -9.96 30.29 -7.71
N GLY B 335 -10.09 29.04 -7.29
CA GLY B 335 -10.90 28.07 -8.00
C GLY B 335 -10.26 27.46 -9.22
N MET B 336 -8.97 27.67 -9.43
CA MET B 336 -8.34 27.19 -10.66
C MET B 336 -8.14 25.68 -10.65
N ALA B 337 -7.74 25.09 -9.52
CA ALA B 337 -7.37 23.68 -9.50
C ALA B 337 -7.94 23.01 -8.26
N VAL B 338 -7.84 21.69 -8.24
CA VAL B 338 -8.33 20.86 -7.14
C VAL B 338 -7.23 19.87 -6.80
N ALA B 339 -6.55 20.09 -5.68
CA ALA B 339 -5.56 19.14 -5.22
C ALA B 339 -6.25 17.99 -4.48
N THR B 340 -5.68 16.79 -4.62
CA THR B 340 -6.26 15.60 -4.01
C THR B 340 -5.10 14.72 -3.57
N GLY B 341 -4.93 14.58 -2.26
CA GLY B 341 -3.93 13.70 -1.71
C GLY B 341 -4.54 12.42 -1.20
N SER B 342 -3.89 11.31 -1.57
CA SER B 342 -4.40 9.99 -1.25
C SER B 342 -3.31 9.19 -0.56
N TRP B 343 -3.70 8.05 0.01
CA TRP B 343 -2.75 7.22 0.74
C TRP B 343 -1.65 6.66 -0.15
N ASP B 344 -1.82 6.70 -1.47
CA ASP B 344 -0.72 6.35 -2.36
C ASP B 344 0.38 7.41 -2.37
N SER B 345 0.12 8.59 -1.82
CA SER B 345 1.11 9.61 -1.53
C SER B 345 1.61 10.37 -2.76
N PHE B 346 0.77 10.55 -3.79
CA PHE B 346 1.19 11.29 -4.97
C PHE B 346 0.52 12.65 -5.10
N LEU B 347 -0.63 12.86 -4.47
CA LEU B 347 -1.21 14.20 -4.37
C LEU B 347 -1.42 14.81 -5.75
N LYS B 348 -2.34 14.27 -6.53
CA LYS B 348 -2.57 14.75 -7.89
C LYS B 348 -3.37 16.04 -7.88
N ILE B 349 -3.01 16.96 -8.77
CA ILE B 349 -3.72 18.22 -8.97
C ILE B 349 -4.55 18.09 -10.23
N TRP B 350 -5.85 18.36 -10.13
CA TRP B 350 -6.78 18.23 -11.23
C TRP B 350 -7.28 19.60 -11.66
N ASN B 351 -7.66 19.71 -12.93
CA ASN B 351 -8.24 20.93 -13.47
C ASN B 351 -8.94 20.67 -14.78
N LYS C 14 -25.48 21.48 31.60
CA LYS C 14 -26.22 20.35 30.98
C LYS C 14 -26.64 20.69 29.54
N LEU C 15 -27.59 19.93 29.00
CA LEU C 15 -28.04 20.17 27.64
C LEU C 15 -29.22 21.13 27.58
N VAL C 16 -29.98 21.22 28.67
CA VAL C 16 -31.19 22.05 28.65
C VAL C 16 -30.84 23.52 28.41
N GLU C 17 -29.80 24.01 29.10
CA GLU C 17 -29.44 25.41 28.95
C GLU C 17 -28.96 25.71 27.53
N GLN C 18 -28.15 24.82 26.96
CA GLN C 18 -27.68 25.03 25.59
C GLN C 18 -28.84 24.99 24.61
N LEU C 19 -29.75 24.04 24.77
CA LEU C 19 -30.88 23.93 23.85
C LEU C 19 -31.80 25.12 23.95
N LYS C 20 -31.96 25.68 25.16
CA LYS C 20 -32.85 26.83 25.33
C LYS C 20 -32.41 28.00 24.46
N MET C 21 -31.10 28.29 24.46
CA MET C 21 -30.60 29.37 23.63
C MET C 21 -30.44 28.96 22.17
N GLU C 22 -30.28 27.66 21.89
CA GLU C 22 -30.27 27.21 20.50
C GLU C 22 -31.63 27.45 19.84
N ALA C 23 -32.71 27.21 20.58
CA ALA C 23 -34.04 27.38 20.00
C ALA C 23 -34.31 28.81 19.57
N ASN C 24 -33.73 29.79 20.27
CA ASN C 24 -33.94 31.20 19.96
C ASN C 24 -33.05 31.59 18.77
N ILE C 25 -33.43 31.07 17.60
CA ILE C 25 -32.72 31.33 16.36
C ILE C 25 -33.73 31.80 15.32
N ASP C 26 -33.40 32.86 14.59
CA ASP C 26 -34.28 33.44 13.58
C ASP C 26 -34.25 32.55 12.34
N ARG C 27 -35.06 31.51 12.37
CA ARG C 27 -35.12 30.56 11.26
C ARG C 27 -35.85 31.18 10.07
N ILE C 28 -35.56 30.67 8.88
CA ILE C 28 -36.18 31.11 7.65
C ILE C 28 -36.63 29.89 6.86
N LYS C 29 -37.50 30.14 5.88
CA LYS C 29 -38.05 29.06 5.07
C LYS C 29 -36.95 28.36 4.30
N VAL C 30 -37.08 27.04 4.16
CA VAL C 30 -36.10 26.26 3.41
C VAL C 30 -36.07 26.69 1.96
N SER C 31 -37.24 27.02 1.40
CA SER C 31 -37.29 27.45 0.00
C SER C 31 -36.49 28.72 -0.22
N LYS C 32 -36.54 29.67 0.71
CA LYS C 32 -35.76 30.89 0.56
C LYS C 32 -34.27 30.58 0.59
N ALA C 33 -33.84 29.69 1.48
CA ALA C 33 -32.42 29.32 1.54
C ALA C 33 -31.98 28.65 0.25
N ALA C 34 -32.79 27.74 -0.27
CA ALA C 34 -32.45 27.08 -1.53
C ALA C 34 -32.37 28.08 -2.67
N ALA C 35 -33.31 29.03 -2.72
CA ALA C 35 -33.27 30.05 -3.76
C ALA C 35 -32.04 30.95 -3.60
N ASP C 36 -31.63 31.23 -2.36
CA ASP C 36 -30.42 32.02 -2.16
C ASP C 36 -29.18 31.27 -2.62
N LEU C 37 -29.11 29.96 -2.35
CA LEU C 37 -28.00 29.18 -2.88
C LEU C 37 -28.00 29.19 -4.41
N MET C 38 -29.19 29.08 -5.01
CA MET C 38 -29.29 29.20 -6.46
C MET C 38 -28.76 30.54 -6.93
N ALA C 39 -29.17 31.63 -6.27
CA ALA C 39 -28.75 32.96 -6.68
C ALA C 39 -27.24 33.11 -6.60
N TYR C 40 -26.64 32.61 -5.52
CA TYR C 40 -25.19 32.68 -5.42
C TYR C 40 -24.50 31.85 -6.50
N CYS C 41 -25.00 30.63 -6.73
CA CYS C 41 -24.36 29.76 -7.71
C CYS C 41 -24.40 30.38 -9.10
N GLU C 42 -25.54 30.97 -9.48
CA GLU C 42 -25.66 31.55 -10.81
C GLU C 42 -25.16 32.99 -10.87
N ALA C 43 -24.79 33.59 -9.74
CA ALA C 43 -24.18 34.91 -9.74
C ALA C 43 -22.66 34.85 -9.86
N HIS C 44 -22.08 33.65 -9.81
CA HIS C 44 -20.64 33.47 -9.93
C HIS C 44 -20.31 32.31 -10.86
N ALA C 45 -21.21 32.02 -11.80
CA ALA C 45 -21.03 30.87 -12.68
C ALA C 45 -19.79 31.03 -13.57
N LYS C 46 -19.59 32.22 -14.15
CA LYS C 46 -18.47 32.41 -15.05
C LYS C 46 -17.17 32.64 -14.27
N GLU C 47 -17.27 32.97 -12.99
CA GLU C 47 -16.09 33.17 -12.14
C GLU C 47 -15.60 31.87 -11.52
N ASP C 48 -15.97 30.71 -12.08
CA ASP C 48 -15.56 29.42 -11.55
C ASP C 48 -14.74 28.68 -12.61
N PRO C 49 -13.41 28.66 -12.49
CA PRO C 49 -12.61 27.96 -13.50
C PRO C 49 -12.90 26.48 -13.60
N LEU C 50 -13.50 25.87 -12.57
CA LEU C 50 -13.83 24.45 -12.64
C LEU C 50 -15.18 24.19 -13.29
N LEU C 51 -16.16 25.08 -13.07
CA LEU C 51 -17.46 24.91 -13.70
C LEU C 51 -17.37 25.17 -15.21
N THR C 52 -16.72 26.27 -15.58
CA THR C 52 -16.50 26.61 -16.98
C THR C 52 -15.01 26.61 -17.26
N PRO C 53 -14.45 25.54 -17.82
CA PRO C 53 -12.99 25.47 -17.99
C PRO C 53 -12.45 26.68 -18.73
N VAL C 54 -11.52 27.38 -18.10
CA VAL C 54 -10.88 28.55 -18.69
C VAL C 54 -9.96 28.09 -19.80
N PRO C 55 -9.63 28.95 -20.78
CA PRO C 55 -8.69 28.55 -21.82
C PRO C 55 -7.27 28.43 -21.28
N ALA C 56 -6.45 27.65 -22.00
CA ALA C 56 -5.07 27.44 -21.59
C ALA C 56 -4.22 28.69 -21.74
N SER C 57 -4.73 29.74 -22.39
CA SER C 57 -3.93 30.94 -22.60
C SER C 57 -3.53 31.58 -21.28
N GLU C 58 -4.50 31.84 -20.41
CA GLU C 58 -4.25 32.43 -19.11
C GLU C 58 -4.35 31.45 -17.95
N ASN C 59 -4.59 30.17 -18.24
CA ASN C 59 -4.59 29.15 -17.19
C ASN C 59 -3.18 29.03 -16.62
N PRO C 60 -2.98 29.22 -15.31
CA PRO C 60 -1.62 29.14 -14.76
C PRO C 60 -0.98 27.78 -14.93
N PHE C 61 -1.75 26.70 -14.88
CA PHE C 61 -1.17 25.36 -15.02
C PHE C 61 -0.84 25.03 -16.46
N ARG C 62 -1.40 25.75 -17.43
CA ARG C 62 -1.02 25.63 -18.82
C ARG C 62 -0.88 27.00 -19.46
N THR D 173 11.64 -51.69 -41.32
CA THR D 173 11.29 -50.73 -40.24
C THR D 173 12.25 -49.53 -40.26
N CYS D 174 13.43 -49.74 -40.83
CA CYS D 174 14.41 -48.67 -40.93
C CYS D 174 13.84 -47.50 -41.73
N LYS D 175 13.27 -47.78 -42.91
CA LYS D 175 12.58 -46.74 -43.66
C LYS D 175 11.40 -46.19 -42.87
N ASN D 176 10.76 -47.02 -42.04
CA ASN D 176 9.70 -46.54 -41.19
C ASN D 176 10.21 -45.48 -40.23
N TRP D 177 11.37 -45.73 -39.61
CA TRP D 177 11.95 -44.73 -38.71
C TRP D 177 12.40 -43.49 -39.47
N LEU D 178 12.90 -43.66 -40.69
CA LEU D 178 13.26 -42.50 -41.51
C LEU D 178 12.04 -41.62 -41.77
N ALA D 179 10.93 -42.24 -42.16
CA ALA D 179 9.71 -41.48 -42.38
C ALA D 179 9.22 -40.84 -41.09
N ALA D 180 9.34 -41.56 -39.98
CA ALA D 180 8.95 -41.00 -38.68
C ALA D 180 9.74 -39.73 -38.37
N GLU D 181 11.07 -39.79 -38.52
CA GLU D 181 11.90 -38.63 -38.24
C GLU D 181 11.58 -37.48 -39.18
N ALA D 182 11.41 -37.79 -40.48
CA ALA D 182 11.12 -36.74 -41.44
C ALA D 182 9.82 -36.03 -41.10
N ALA D 183 8.75 -36.80 -40.87
CA ALA D 183 7.47 -36.20 -40.53
C ALA D 183 7.55 -35.44 -39.20
N LEU D 184 8.29 -35.99 -38.24
CA LEU D 184 8.45 -35.30 -36.96
C LEU D 184 9.06 -33.93 -37.15
N GLU D 185 10.21 -33.88 -37.81
CA GLU D 185 10.86 -32.59 -38.05
C GLU D 185 9.95 -31.65 -38.84
N LYS D 186 9.23 -32.19 -39.82
CA LYS D 186 8.42 -31.34 -40.68
C LYS D 186 7.27 -30.69 -39.91
N TYR D 187 6.50 -31.49 -39.16
CA TYR D 187 5.26 -31.03 -38.56
C TYR D 187 5.35 -30.76 -37.07
N TYR D 188 5.91 -31.70 -36.30
CA TYR D 188 5.85 -31.60 -34.85
C TYR D 188 6.60 -30.37 -34.35
N LEU D 189 7.81 -30.14 -34.86
CA LEU D 189 8.58 -28.99 -34.43
C LEU D 189 7.87 -27.70 -34.79
N SER D 190 7.35 -27.60 -36.02
CA SER D 190 6.68 -26.38 -36.44
C SER D 190 5.49 -26.08 -35.55
N ILE D 191 4.60 -27.06 -35.39
CA ILE D 191 3.35 -26.88 -34.59
C ILE D 191 3.75 -26.51 -33.16
N PHE D 192 4.59 -27.31 -32.50
CA PHE D 192 4.99 -27.07 -31.09
C PHE D 192 5.61 -25.67 -30.99
N TYR D 193 6.51 -25.28 -31.88
CA TYR D 193 7.18 -23.95 -31.85
C TYR D 193 6.15 -22.85 -32.06
N GLY D 194 5.07 -23.12 -32.81
CA GLY D 194 3.97 -22.17 -32.93
C GLY D 194 3.22 -21.99 -31.63
N ILE D 195 2.90 -23.10 -30.96
CA ILE D 195 2.20 -23.00 -29.67
C ILE D 195 3.06 -22.25 -28.66
N GLU D 196 4.31 -22.67 -28.52
CA GLU D 196 5.22 -22.11 -27.50
C GLU D 196 5.44 -20.63 -27.84
N PHE D 197 5.37 -20.25 -29.11
CA PHE D 197 5.65 -18.86 -29.55
C PHE D 197 4.45 -17.98 -29.27
N VAL D 198 3.24 -18.55 -29.30
CA VAL D 198 1.98 -17.77 -29.13
C VAL D 198 1.70 -17.63 -27.63
N VAL D 199 1.89 -18.68 -26.84
CA VAL D 199 1.70 -18.57 -25.39
C VAL D 199 2.79 -17.70 -24.77
N GLY D 200 4.05 -17.94 -25.14
CA GLY D 200 5.16 -17.28 -24.48
C GLY D 200 5.23 -15.80 -24.73
N VAL D 201 5.04 -15.36 -25.98
CA VAL D 201 5.11 -13.92 -26.23
C VAL D 201 4.04 -13.22 -25.42
N LEU D 202 2.82 -13.76 -25.43
CA LEU D 202 1.74 -13.17 -24.65
C LEU D 202 2.10 -13.08 -23.17
N GLY D 203 2.53 -14.19 -22.58
CA GLY D 203 2.79 -14.20 -21.15
C GLY D 203 3.92 -13.27 -20.76
N ASN D 204 5.03 -13.34 -21.49
CA ASN D 204 6.16 -12.46 -21.20
C ASN D 204 5.78 -11.01 -21.43
N THR D 205 4.90 -10.72 -22.39
CA THR D 205 4.44 -9.36 -22.58
C THR D 205 3.64 -8.88 -21.39
N ILE D 206 2.78 -9.72 -20.83
CA ILE D 206 2.07 -9.32 -19.62
C ILE D 206 3.06 -9.04 -18.50
N VAL D 207 4.07 -9.89 -18.38
CA VAL D 207 5.05 -9.74 -17.30
C VAL D 207 5.79 -8.42 -17.44
N VAL D 208 6.30 -8.13 -18.64
CA VAL D 208 7.08 -6.91 -18.82
C VAL D 208 6.19 -5.68 -18.71
N TYR D 209 4.93 -5.78 -19.14
CA TYR D 209 4.00 -4.68 -18.96
C TYR D 209 3.80 -4.39 -17.48
N GLY D 210 3.60 -5.43 -16.67
CA GLY D 210 3.42 -5.24 -15.25
C GLY D 210 4.68 -4.77 -14.54
N TYR D 211 5.85 -5.08 -15.09
CA TYR D 211 7.10 -4.68 -14.47
C TYR D 211 7.54 -3.27 -14.87
N ILE D 212 7.16 -2.82 -16.07
CA ILE D 212 7.59 -1.51 -16.55
C ILE D 212 6.57 -0.44 -16.16
N PHE D 213 5.29 -0.72 -16.38
CA PHE D 213 4.23 0.25 -16.12
C PHE D 213 3.60 0.07 -14.74
N SER D 214 4.15 -0.78 -13.90
CA SER D 214 3.62 -1.02 -12.57
C SER D 214 4.73 -1.56 -11.68
N LEU D 215 4.44 -1.69 -10.39
CA LEU D 215 5.38 -2.24 -9.43
C LEU D 215 6.67 -1.41 -9.41
N LYS D 216 6.53 -0.14 -9.01
CA LYS D 216 7.68 0.76 -9.03
C LYS D 216 8.76 0.37 -8.03
N ASN D 217 8.39 -0.29 -6.93
CA ASN D 217 9.35 -0.66 -5.90
C ASN D 217 10.19 -1.86 -6.33
N TRP D 218 11.14 -1.58 -7.22
CA TRP D 218 12.03 -2.62 -7.72
C TRP D 218 13.10 -2.98 -6.70
N ASN D 219 13.56 -4.22 -6.76
CA ASN D 219 14.61 -4.72 -5.89
C ASN D 219 15.34 -5.84 -6.62
N SER D 220 16.25 -6.50 -5.90
CA SER D 220 17.08 -7.52 -6.53
C SER D 220 16.23 -8.62 -7.16
N SER D 221 15.27 -9.16 -6.41
CA SER D 221 14.45 -10.24 -6.93
C SER D 221 13.65 -9.78 -8.14
N ASN D 222 13.09 -8.57 -8.09
CA ASN D 222 12.38 -8.05 -9.25
C ASN D 222 13.32 -7.87 -10.43
N ILE D 223 14.55 -7.46 -10.20
CA ILE D 223 15.52 -7.33 -11.29
C ILE D 223 15.74 -8.70 -11.95
N TYR D 224 15.96 -9.73 -11.14
CA TYR D 224 16.20 -11.06 -11.70
C TYR D 224 14.98 -11.56 -12.45
N LEU D 225 13.78 -11.37 -11.90
CA LEU D 225 12.58 -11.86 -12.56
C LEU D 225 12.34 -11.13 -13.87
N PHE D 226 12.53 -9.80 -13.88
CA PHE D 226 12.37 -9.05 -15.12
C PHE D 226 13.40 -9.47 -16.15
N ASN D 227 14.63 -9.72 -15.72
CA ASN D 227 15.66 -10.17 -16.65
C ASN D 227 15.30 -11.54 -17.23
N LEU D 228 14.77 -12.43 -16.40
CA LEU D 228 14.34 -13.73 -16.90
C LEU D 228 13.22 -13.57 -17.92
N SER D 229 12.25 -12.70 -17.64
CA SER D 229 11.16 -12.49 -18.58
C SER D 229 11.68 -11.90 -19.90
N VAL D 230 12.59 -10.93 -19.83
CA VAL D 230 13.14 -10.34 -21.04
C VAL D 230 13.90 -11.38 -21.86
N SER D 231 14.71 -12.20 -21.18
CA SER D 231 15.44 -13.25 -21.87
C SER D 231 14.50 -14.24 -22.52
N ASP D 232 13.42 -14.60 -21.83
CA ASP D 232 12.44 -15.52 -22.42
C ASP D 232 11.77 -14.89 -23.62
N LEU D 233 11.44 -13.60 -23.54
CA LEU D 233 10.81 -12.93 -24.68
C LEU D 233 11.74 -12.90 -25.88
N ALA D 234 13.03 -12.60 -25.66
CA ALA D 234 13.99 -12.64 -26.75
C ALA D 234 14.16 -14.05 -27.29
N PHE D 235 14.03 -15.04 -26.41
CA PHE D 235 14.10 -16.44 -26.82
C PHE D 235 12.93 -16.77 -27.77
N LEU D 236 11.72 -16.34 -27.40
CA LEU D 236 10.57 -16.60 -28.26
C LEU D 236 10.67 -15.85 -29.57
N CYS D 237 11.15 -14.61 -29.53
CA CYS D 237 11.18 -13.78 -30.74
C CYS D 237 12.03 -14.43 -31.83
N THR D 238 12.93 -15.34 -31.47
CA THR D 238 13.83 -15.96 -32.43
C THR D 238 13.29 -17.24 -33.03
N LEU D 239 12.07 -17.62 -32.68
CA LEU D 239 11.46 -18.85 -33.18
C LEU D 239 10.93 -18.71 -34.61
N PRO D 240 10.32 -17.58 -35.01
CA PRO D 240 9.52 -17.61 -36.25
C PRO D 240 10.29 -18.09 -37.47
N MET D 241 11.57 -17.71 -37.58
CA MET D 241 12.38 -18.21 -38.69
C MET D 241 12.47 -19.72 -38.65
N LEU D 242 12.73 -20.29 -37.46
CA LEU D 242 12.77 -21.74 -37.32
C LEU D 242 11.43 -22.36 -37.68
N ILE D 243 10.34 -21.76 -37.21
CA ILE D 243 9.02 -22.32 -37.47
C ILE D 243 8.77 -22.40 -38.97
N ARG D 244 9.00 -21.29 -39.68
CA ARG D 244 8.72 -21.28 -41.10
C ARG D 244 9.69 -22.17 -41.87
N SER D 245 10.96 -22.21 -41.47
CA SER D 245 11.93 -23.06 -42.16
C SER D 245 11.60 -24.54 -41.98
N TYR D 246 11.23 -24.95 -40.77
CA TYR D 246 10.85 -26.34 -40.54
C TYR D 246 9.52 -26.68 -41.21
N ALA D 247 8.61 -25.71 -41.31
CA ALA D 247 7.36 -25.96 -42.02
C ALA D 247 7.60 -26.18 -43.50
N ASN D 248 8.33 -25.27 -44.14
CA ASN D 248 8.58 -25.37 -45.57
C ASN D 248 9.75 -26.27 -45.92
N GLY D 249 10.64 -26.55 -44.96
CA GLY D 249 11.75 -27.46 -45.19
C GLY D 249 12.96 -26.85 -45.87
N ASN D 250 12.99 -25.53 -46.05
CA ASN D 250 14.12 -24.88 -46.70
C ASN D 250 14.30 -23.49 -46.13
N TRP D 251 15.40 -23.29 -45.39
CA TRP D 251 15.68 -21.97 -44.78
C TRP D 251 15.97 -21.03 -45.93
N ILE D 252 15.39 -19.84 -45.94
CA ILE D 252 15.51 -18.89 -47.09
C ILE D 252 15.69 -17.47 -46.58
N TYR D 253 16.42 -17.28 -45.48
CA TYR D 253 16.72 -15.93 -44.93
C TYR D 253 18.24 -15.74 -44.94
N GLY D 254 18.96 -16.46 -45.82
CA GLY D 254 20.39 -16.26 -45.95
C GLY D 254 21.18 -16.96 -44.86
N ASP D 255 22.49 -16.70 -44.85
CA ASP D 255 23.37 -17.33 -43.89
C ASP D 255 23.56 -16.49 -42.64
N VAL D 256 23.69 -15.18 -42.80
CA VAL D 256 23.94 -14.31 -41.64
C VAL D 256 22.80 -14.40 -40.64
N LEU D 257 21.56 -14.31 -41.14
CA LEU D 257 20.41 -14.35 -40.24
C LEU D 257 20.31 -15.67 -39.50
N CYS D 258 20.61 -16.80 -40.17
CA CYS D 258 20.54 -18.08 -39.49
C CYS D 258 21.52 -18.13 -38.32
N ILE D 259 22.78 -17.76 -38.56
CA ILE D 259 23.77 -17.77 -37.50
C ILE D 259 23.31 -16.89 -36.35
N SER D 260 22.92 -15.65 -36.67
CA SER D 260 22.53 -14.72 -35.61
C SER D 260 21.37 -15.26 -34.81
N ASN D 261 20.33 -15.74 -35.49
CA ASN D 261 19.12 -16.18 -34.81
C ASN D 261 19.40 -17.40 -33.94
N ARG D 262 20.12 -18.38 -34.46
CA ARG D 262 20.40 -19.58 -33.69
C ARG D 262 21.29 -19.27 -32.48
N TYR D 263 22.33 -18.45 -32.69
CA TYR D 263 23.21 -18.10 -31.57
C TYR D 263 22.42 -17.38 -30.49
N VAL D 264 21.59 -16.40 -30.87
CA VAL D 264 20.84 -15.66 -29.87
C VAL D 264 19.81 -16.56 -29.19
N LEU D 265 19.23 -17.51 -29.93
CA LEU D 265 18.31 -18.47 -29.33
C LEU D 265 18.99 -19.25 -28.22
N HIS D 266 20.15 -19.85 -28.51
CA HIS D 266 20.90 -20.68 -27.53
C HIS D 266 21.37 -19.78 -26.39
N ALA D 267 21.84 -18.58 -26.65
CA ALA D 267 22.31 -17.69 -25.61
C ALA D 267 21.18 -17.31 -24.66
N ASN D 268 20.01 -17.02 -25.21
CA ASN D 268 18.87 -16.66 -24.36
C ASN D 268 18.39 -17.86 -23.56
N LEU D 269 18.45 -19.05 -24.13
CA LEU D 269 18.12 -20.25 -23.37
C LEU D 269 19.01 -20.35 -22.12
N TYR D 270 20.31 -20.23 -22.30
CA TYR D 270 21.21 -20.43 -21.17
C TYR D 270 21.17 -19.24 -20.21
N THR D 271 20.92 -18.04 -20.70
CA THR D 271 20.69 -16.92 -19.78
C THR D 271 19.45 -17.15 -18.94
N SER D 272 18.39 -17.70 -19.54
CA SER D 272 17.21 -18.04 -18.76
C SER D 272 17.54 -19.05 -17.68
N ILE D 273 18.34 -20.07 -18.02
CA ILE D 273 18.71 -21.06 -17.00
C ILE D 273 19.47 -20.40 -15.86
N LEU D 274 20.44 -19.54 -16.20
CA LEU D 274 21.21 -18.88 -15.16
C LEU D 274 20.35 -17.95 -14.32
N PHE D 275 19.37 -17.28 -14.93
CA PHE D 275 18.50 -16.40 -14.15
C PHE D 275 17.57 -17.18 -13.25
N LEU D 276 17.15 -18.39 -13.68
CA LEU D 276 16.43 -19.27 -12.76
C LEU D 276 17.31 -19.63 -11.56
N THR D 277 18.57 -19.97 -11.82
CA THR D 277 19.49 -20.26 -10.73
C THR D 277 19.59 -19.08 -9.77
N PHE D 278 19.74 -17.87 -10.30
CA PHE D 278 19.93 -16.72 -9.43
C PHE D 278 18.63 -16.31 -8.74
N ILE D 279 17.48 -16.61 -9.35
CA ILE D 279 16.22 -16.41 -8.66
C ILE D 279 16.12 -17.35 -7.46
N SER D 280 16.57 -18.60 -7.63
CA SER D 280 16.65 -19.49 -6.47
C SER D 280 17.59 -18.92 -5.41
N ILE D 281 18.74 -18.39 -5.79
CA ILE D 281 19.75 -17.88 -4.81
C ILE D 281 19.22 -16.65 -4.09
N ASP D 282 18.28 -15.91 -4.68
CA ASP D 282 17.69 -14.70 -4.06
C ASP D 282 16.44 -15.07 -3.28
N ARG D 283 15.83 -16.22 -3.58
CA ARG D 283 14.67 -16.73 -2.81
C ARG D 283 15.24 -17.36 -1.54
N TYR D 284 16.43 -17.93 -1.59
CA TYR D 284 17.09 -18.43 -0.38
C TYR D 284 17.59 -17.29 0.49
N LEU D 285 18.18 -16.26 -0.12
CA LEU D 285 18.70 -15.15 0.67
C LEU D 285 17.57 -14.42 1.39
N ILE D 286 16.47 -14.14 0.70
CA ILE D 286 15.37 -13.41 1.34
C ILE D 286 14.75 -14.26 2.44
N ILE D 287 14.67 -15.58 2.24
CA ILE D 287 14.16 -16.43 3.31
C ILE D 287 15.11 -16.43 4.51
N LYS D 288 16.42 -16.33 4.26
CA LYS D 288 17.40 -16.38 5.33
C LYS D 288 17.77 -15.00 5.85
N TYR D 289 17.55 -13.94 5.06
CA TYR D 289 17.77 -12.56 5.50
C TYR D 289 16.54 -11.75 5.14
N PRO D 290 15.43 -11.94 5.86
CA PRO D 290 14.18 -11.26 5.48
C PRO D 290 14.29 -9.75 5.46
N PHE D 291 15.20 -9.18 6.25
CA PHE D 291 15.35 -7.74 6.35
C PHE D 291 16.16 -7.15 5.21
N ARG D 292 16.63 -7.97 4.27
CA ARG D 292 17.42 -7.49 3.13
C ARG D 292 18.70 -6.81 3.63
N GLU D 293 19.54 -7.58 4.31
CA GLU D 293 20.73 -7.05 4.95
C GLU D 293 22.01 -7.80 4.60
N HIS D 294 21.98 -8.72 3.63
CA HIS D 294 23.19 -9.47 3.31
C HIS D 294 24.08 -8.76 2.31
N LEU D 295 23.62 -7.65 1.73
CA LEU D 295 24.41 -6.84 0.80
C LEU D 295 24.52 -7.48 -0.58
N LEU D 296 24.00 -8.70 -0.74
CA LEU D 296 23.81 -9.25 -2.08
C LEU D 296 22.40 -9.00 -2.60
N GLN D 297 21.52 -8.51 -1.74
CA GLN D 297 20.15 -8.18 -2.11
C GLN D 297 19.99 -6.74 -2.54
N LYS D 298 21.08 -5.97 -2.60
CA LYS D 298 21.03 -4.59 -3.07
C LYS D 298 20.75 -4.57 -4.57
N LYS D 299 19.99 -3.56 -4.99
CA LYS D 299 19.60 -3.46 -6.40
C LYS D 299 20.83 -3.32 -7.30
N GLU D 300 21.83 -2.56 -6.85
CA GLU D 300 23.03 -2.37 -7.66
C GLU D 300 23.75 -3.70 -7.89
N PHE D 301 23.88 -4.51 -6.83
CA PHE D 301 24.50 -5.82 -6.98
C PHE D 301 23.70 -6.70 -7.92
N ALA D 302 22.37 -6.62 -7.84
CA ALA D 302 21.53 -7.40 -8.76
C ALA D 302 21.76 -6.98 -10.20
N ILE D 303 21.85 -5.68 -10.46
CA ILE D 303 22.10 -5.20 -11.82
C ILE D 303 23.47 -5.68 -12.31
N LEU D 304 24.47 -5.58 -11.44
CA LEU D 304 25.81 -6.04 -11.81
C LEU D 304 25.81 -7.52 -12.13
N ILE D 305 25.12 -8.32 -11.32
CA ILE D 305 25.10 -9.76 -11.55
C ILE D 305 24.33 -10.09 -12.82
N SER D 306 23.27 -9.34 -13.11
CA SER D 306 22.53 -9.57 -14.35
C SER D 306 23.40 -9.29 -15.56
N LEU D 307 24.14 -8.18 -15.54
CA LEU D 307 25.04 -7.88 -16.64
C LEU D 307 26.12 -8.94 -16.75
N ALA D 308 26.63 -9.41 -15.62
CA ALA D 308 27.62 -10.48 -15.64
C ALA D 308 27.03 -11.74 -16.28
N ILE D 309 25.79 -12.07 -15.95
CA ILE D 309 25.14 -13.24 -16.53
C ILE D 309 25.06 -13.10 -18.05
N TRP D 310 24.57 -11.94 -18.51
CA TRP D 310 24.41 -11.73 -19.94
C TRP D 310 25.75 -11.87 -20.67
N VAL D 311 26.78 -11.16 -20.18
CA VAL D 311 28.06 -11.18 -20.86
C VAL D 311 28.71 -12.56 -20.77
N LEU D 312 28.55 -13.24 -19.64
CA LEU D 312 29.16 -14.56 -19.47
C LEU D 312 28.52 -15.56 -20.42
N VAL D 313 27.21 -15.51 -20.60
CA VAL D 313 26.57 -16.42 -21.54
C VAL D 313 26.97 -16.07 -22.98
N THR D 314 27.04 -14.78 -23.29
CA THR D 314 27.51 -14.37 -24.61
C THR D 314 28.88 -14.95 -24.91
N LEU D 315 29.80 -14.87 -23.93
CA LEU D 315 31.12 -15.47 -24.11
C LEU D 315 31.04 -16.98 -24.21
N GLU D 316 30.22 -17.61 -23.38
CA GLU D 316 30.11 -19.07 -23.38
C GLU D 316 29.72 -19.59 -24.75
N LEU D 317 28.82 -18.89 -25.44
CA LEU D 317 28.30 -19.38 -26.71
C LEU D 317 29.14 -18.95 -27.92
N LEU D 318 30.22 -18.22 -27.72
CA LEU D 318 31.03 -17.81 -28.87
C LEU D 318 31.58 -19.01 -29.64
N PRO D 319 32.14 -20.05 -29.01
CA PRO D 319 32.61 -21.21 -29.79
C PRO D 319 31.49 -21.95 -30.53
N ILE D 320 30.23 -21.55 -30.36
CA ILE D 320 29.17 -22.12 -31.18
C ILE D 320 29.28 -21.61 -32.62
N LEU D 321 29.78 -20.38 -32.80
CA LEU D 321 29.77 -19.77 -34.12
C LEU D 321 30.51 -20.60 -35.16
N PRO D 322 31.72 -21.10 -34.90
CA PRO D 322 32.34 -22.01 -35.88
C PRO D 322 31.53 -23.27 -36.13
N LEU D 323 30.68 -23.67 -35.19
CA LEU D 323 29.89 -24.88 -35.37
C LEU D 323 28.67 -24.63 -36.25
N ILE D 324 27.97 -23.52 -36.04
CA ILE D 324 26.76 -23.26 -36.80
C ILE D 324 27.09 -22.61 -38.15
N ASN D 325 28.31 -22.07 -38.30
CA ASN D 325 28.69 -21.42 -39.56
C ASN D 325 28.51 -22.40 -40.71
N PRO D 326 27.52 -22.20 -41.57
CA PRO D 326 27.28 -23.15 -42.66
C PRO D 326 28.30 -23.02 -43.78
N VAL D 327 28.40 -24.07 -44.57
CA VAL D 327 29.25 -24.11 -45.75
C VAL D 327 28.35 -24.37 -46.95
N ILE D 328 28.44 -23.51 -47.96
CA ILE D 328 27.60 -23.63 -49.14
C ILE D 328 28.08 -24.78 -50.02
N GLY D 332 22.05 -24.20 -51.48
CA GLY D 332 22.13 -22.88 -50.90
C GLY D 332 22.53 -22.90 -49.44
N THR D 333 21.75 -22.22 -48.60
CA THR D 333 22.03 -22.17 -47.17
C THR D 333 21.99 -23.57 -46.56
N THR D 334 23.14 -24.05 -46.10
CA THR D 334 23.24 -25.37 -45.49
C THR D 334 23.11 -25.26 -43.98
N CYS D 335 22.33 -24.29 -43.51
CA CYS D 335 22.23 -23.98 -42.09
C CYS D 335 21.21 -24.91 -41.42
N ASN D 336 21.75 -25.92 -40.73
CA ASN D 336 20.94 -26.85 -39.97
C ASN D 336 21.15 -26.62 -38.47
N ASP D 337 20.54 -27.49 -37.66
CA ASP D 337 20.51 -27.30 -36.22
C ASP D 337 21.93 -27.35 -35.64
N PHE D 338 22.00 -27.11 -34.33
CA PHE D 338 23.29 -27.08 -33.63
C PHE D 338 23.89 -28.47 -33.53
N ALA D 339 23.07 -29.50 -33.35
CA ALA D 339 23.60 -30.85 -33.15
C ALA D 339 24.13 -31.46 -34.43
N SER D 340 23.54 -31.14 -35.58
CA SER D 340 23.89 -31.78 -36.83
C SER D 340 24.90 -30.98 -37.65
N SER D 341 25.44 -29.88 -37.12
CA SER D 341 26.35 -29.04 -37.87
C SER D 341 27.77 -29.12 -37.31
N GLY D 342 28.74 -28.88 -38.18
CA GLY D 342 30.13 -28.81 -37.78
C GLY D 342 30.77 -30.18 -37.60
N ASP D 343 31.97 -30.19 -37.01
CA ASP D 343 32.74 -31.45 -36.79
C ASP D 343 32.16 -32.22 -35.61
N PRO D 344 31.60 -33.42 -35.79
CA PRO D 344 30.95 -34.10 -34.68
C PRO D 344 31.84 -34.11 -33.44
N ASN D 345 33.14 -34.25 -33.62
CA ASN D 345 34.11 -34.39 -32.49
C ASN D 345 34.26 -33.04 -31.77
N TYR D 346 34.11 -31.91 -32.47
CA TYR D 346 34.17 -30.57 -31.88
C TYR D 346 32.77 -30.15 -31.47
N ASN D 347 31.73 -30.70 -32.11
CA ASN D 347 30.34 -30.30 -31.83
C ASN D 347 29.96 -30.95 -30.51
N LEU D 348 30.76 -31.90 -30.05
CA LEU D 348 30.46 -32.63 -28.79
C LEU D 348 31.38 -32.07 -27.72
N ILE D 349 32.69 -32.16 -27.90
CA ILE D 349 33.60 -31.70 -26.82
C ILE D 349 32.95 -30.46 -26.24
N TYR D 350 32.32 -29.65 -27.09
CA TYR D 350 31.72 -28.39 -26.65
C TYR D 350 30.31 -28.61 -26.12
N SER D 351 29.51 -29.43 -26.81
CA SER D 351 28.14 -29.65 -26.35
C SER D 351 28.12 -30.27 -24.96
N MET D 352 29.15 -31.04 -24.60
CA MET D 352 29.27 -31.52 -23.23
C MET D 352 29.72 -30.39 -22.31
N CYS D 353 30.69 -29.59 -22.74
CA CYS D 353 31.14 -28.47 -21.91
C CYS D 353 30.02 -27.46 -21.70
N LEU D 354 29.26 -27.15 -22.76
CA LEU D 354 28.15 -26.22 -22.60
C LEU D 354 27.04 -26.83 -21.76
N THR D 355 26.95 -28.15 -21.70
CA THR D 355 26.02 -28.79 -20.77
C THR D 355 26.52 -28.67 -19.34
N LEU D 356 27.82 -28.93 -19.12
CA LEU D 356 28.39 -28.80 -17.80
C LEU D 356 28.24 -27.38 -17.27
N LEU D 357 28.85 -26.42 -17.97
CA LEU D 357 28.84 -25.04 -17.50
C LEU D 357 27.49 -24.36 -17.71
N GLY D 358 26.61 -24.95 -18.50
CA GLY D 358 25.38 -24.30 -18.87
C GLY D 358 24.13 -24.81 -18.16
N PHE D 359 24.05 -26.12 -17.95
CA PHE D 359 22.83 -26.72 -17.41
C PHE D 359 23.10 -27.50 -16.13
N LEU D 360 24.24 -28.20 -16.06
CA LEU D 360 24.53 -29.01 -14.89
C LEU D 360 24.90 -28.15 -13.70
N ILE D 361 25.90 -27.28 -13.86
CA ILE D 361 26.32 -26.43 -12.74
C ILE D 361 25.17 -25.56 -12.26
N PRO D 362 24.47 -24.81 -13.12
CA PRO D 362 23.30 -24.07 -12.63
C PRO D 362 22.23 -24.97 -12.02
N LEU D 363 22.09 -26.20 -12.52
CA LEU D 363 21.11 -27.12 -11.93
C LEU D 363 21.55 -27.56 -10.54
N PHE D 364 22.84 -27.81 -10.35
CA PHE D 364 23.31 -28.27 -9.04
C PHE D 364 23.19 -27.17 -8.00
N VAL D 365 23.55 -25.94 -8.36
CA VAL D 365 23.43 -24.84 -7.40
C VAL D 365 21.98 -24.54 -7.10
N MET D 366 21.12 -24.59 -8.13
CA MET D 366 19.70 -24.34 -7.90
C MET D 366 19.09 -25.41 -7.00
N CYS D 367 19.45 -26.67 -7.23
CA CYS D 367 18.93 -27.75 -6.38
C CYS D 367 19.40 -27.57 -4.94
N PHE D 368 20.67 -27.24 -4.76
CA PHE D 368 21.21 -27.10 -3.40
C PHE D 368 20.53 -25.96 -2.66
N PHE D 369 20.31 -24.84 -3.32
CA PHE D 369 19.74 -23.67 -2.64
C PHE D 369 18.24 -23.86 -2.40
N TYR D 370 17.55 -24.54 -3.30
CA TYR D 370 16.15 -24.86 -3.04
C TYR D 370 16.02 -25.96 -2.00
N TYR D 371 17.02 -26.84 -1.89
CA TYR D 371 17.06 -27.78 -0.78
C TYR D 371 17.21 -27.05 0.54
N LYS D 372 18.07 -26.03 0.57
CA LYS D 372 18.22 -25.24 1.80
C LYS D 372 16.92 -24.54 2.16
N ILE D 373 16.21 -24.02 1.17
CA ILE D 373 14.93 -23.35 1.44
C ILE D 373 13.94 -24.34 2.01
N ALA D 374 13.87 -25.55 1.45
CA ALA D 374 12.95 -26.55 1.97
C ALA D 374 13.26 -26.88 3.42
N LEU D 375 14.54 -27.05 3.74
CA LEU D 375 14.92 -27.28 5.13
C LEU D 375 14.59 -26.08 6.01
N PHE D 376 14.85 -24.88 5.51
CA PHE D 376 14.54 -23.68 6.30
C PHE D 376 13.05 -23.56 6.56
N LEU D 377 12.22 -23.82 5.55
CA LEU D 377 10.79 -23.78 5.76
C LEU D 377 10.34 -24.86 6.74
N LYS D 378 10.91 -26.07 6.62
CA LYS D 378 10.57 -27.13 7.55
C LYS D 378 10.96 -26.76 8.97
N GLN D 379 12.17 -26.22 9.16
CA GLN D 379 12.60 -25.79 10.48
C GLN D 379 11.72 -24.66 11.00
N ARG D 380 11.38 -23.70 10.14
CA ARG D 380 10.52 -22.60 10.56
C ARG D 380 9.14 -23.11 10.97
N ASN D 381 8.59 -24.07 10.22
CA ASN D 381 7.30 -24.65 10.60
C ASN D 381 7.40 -25.35 11.95
N ARG D 382 8.46 -26.14 12.16
CA ARG D 382 8.63 -26.83 13.43
C ARG D 382 8.87 -25.84 14.57
N GLN D 383 9.70 -24.83 14.33
CA GLN D 383 9.99 -23.84 15.38
C GLN D 383 8.76 -22.97 15.66
N VAL D 384 8.24 -22.29 14.63
CA VAL D 384 7.05 -21.47 14.77
C VAL D 384 5.85 -22.36 14.47
N ALA D 385 5.05 -22.62 15.51
CA ALA D 385 3.86 -23.47 15.39
C ALA D 385 2.57 -22.68 15.51
N THR D 386 2.59 -21.40 15.15
CA THR D 386 1.41 -20.55 15.25
C THR D 386 0.51 -20.74 14.03
N ALA D 387 0.15 -21.99 13.73
CA ALA D 387 -0.76 -22.31 12.64
C ALA D 387 -0.29 -21.69 11.33
N LEU D 388 0.91 -22.10 10.91
CA LEU D 388 1.49 -21.64 9.64
C LEU D 388 2.28 -22.79 9.02
N PRO D 389 1.57 -23.78 8.47
CA PRO D 389 2.28 -24.90 7.83
C PRO D 389 3.16 -24.48 6.67
N LEU D 390 2.77 -23.45 5.91
CA LEU D 390 3.54 -23.01 4.75
C LEU D 390 3.78 -24.18 3.79
N GLU D 391 2.75 -24.99 3.58
CA GLU D 391 2.86 -26.09 2.63
C GLU D 391 3.00 -25.59 1.20
N LYS D 392 2.28 -24.53 0.83
CA LYS D 392 2.32 -24.05 -0.54
C LYS D 392 3.72 -23.60 -0.95
N PRO D 393 4.42 -22.75 -0.19
CA PRO D 393 5.79 -22.39 -0.60
C PRO D 393 6.71 -23.59 -0.74
N LEU D 394 6.58 -24.60 0.13
CA LEU D 394 7.43 -25.77 0.03
C LEU D 394 7.17 -26.51 -1.28
N ASN D 395 5.91 -26.62 -1.69
CA ASN D 395 5.60 -27.27 -2.95
C ASN D 395 6.16 -26.50 -4.14
N LEU D 396 6.07 -25.16 -4.10
CA LEU D 396 6.51 -24.37 -5.23
C LEU D 396 8.01 -24.49 -5.45
N VAL D 397 8.81 -24.42 -4.39
CA VAL D 397 10.25 -24.59 -4.55
C VAL D 397 10.57 -26.00 -5.01
N ILE D 398 9.82 -27.00 -4.55
CA ILE D 398 10.01 -28.36 -5.03
C ILE D 398 9.62 -28.46 -6.49
N MET D 399 8.50 -27.84 -6.86
CA MET D 399 8.06 -27.89 -8.26
C MET D 399 8.93 -27.01 -9.14
N ALA D 400 9.48 -25.91 -8.60
CA ALA D 400 10.28 -25.01 -9.41
C ALA D 400 11.51 -25.71 -9.98
N VAL D 401 12.14 -26.55 -9.16
CA VAL D 401 13.33 -27.26 -9.63
C VAL D 401 12.94 -28.54 -10.38
N VAL D 402 11.78 -29.12 -10.06
CA VAL D 402 11.37 -30.35 -10.71
C VAL D 402 11.05 -30.10 -12.18
N ILE D 403 10.30 -29.03 -12.46
CA ILE D 403 9.95 -28.73 -13.84
C ILE D 403 11.20 -28.28 -14.61
N PHE D 404 12.09 -27.54 -13.96
CA PHE D 404 13.32 -27.12 -14.62
C PHE D 404 14.18 -28.33 -14.98
N SER D 405 14.28 -29.29 -14.07
CA SER D 405 15.14 -30.45 -14.32
C SER D 405 14.51 -31.40 -15.33
N VAL D 406 13.19 -31.55 -15.28
CA VAL D 406 12.53 -32.52 -16.14
C VAL D 406 12.34 -32.00 -17.56
N LEU D 407 12.32 -30.68 -17.75
CA LEU D 407 12.17 -30.11 -19.08
C LEU D 407 13.50 -29.88 -19.78
N PHE D 408 14.60 -29.77 -19.04
CA PHE D 408 15.91 -29.56 -19.63
C PHE D 408 16.75 -30.82 -19.71
N THR D 409 16.69 -31.66 -18.67
CA THR D 409 17.53 -32.86 -18.66
C THR D 409 17.30 -33.74 -19.88
N PRO D 410 16.06 -34.03 -20.30
CA PRO D 410 15.88 -34.84 -21.51
C PRO D 410 16.52 -34.22 -22.74
N TYR D 411 16.47 -32.89 -22.86
CA TYR D 411 17.05 -32.24 -24.03
C TYR D 411 18.57 -32.28 -23.97
N HIS D 412 19.15 -31.80 -22.86
CA HIS D 412 20.60 -31.75 -22.77
C HIS D 412 21.20 -33.15 -22.86
N VAL D 413 20.66 -34.10 -22.09
CA VAL D 413 21.22 -35.44 -22.08
C VAL D 413 21.05 -36.10 -23.45
N MET D 414 19.89 -35.89 -24.09
CA MET D 414 19.70 -36.48 -25.41
C MET D 414 20.52 -35.75 -26.47
N ARG D 415 20.72 -34.44 -26.32
CA ARG D 415 21.49 -33.70 -27.30
C ARG D 415 22.88 -34.31 -27.48
N ASN D 416 23.63 -34.46 -26.39
CA ASN D 416 24.98 -35.00 -26.50
C ASN D 416 24.96 -36.36 -27.16
N VAL D 417 23.92 -37.15 -26.90
CA VAL D 417 23.80 -38.46 -27.55
C VAL D 417 23.68 -38.28 -29.05
N ARG D 418 22.86 -37.32 -29.49
CA ARG D 418 22.71 -37.08 -30.93
C ARG D 418 24.04 -36.69 -31.56
N ILE D 419 24.77 -35.78 -30.92
CA ILE D 419 26.07 -35.40 -31.44
C ILE D 419 27.03 -36.58 -31.40
N ALA D 420 27.03 -37.33 -30.29
CA ALA D 420 27.86 -38.52 -30.22
C ALA D 420 27.48 -39.51 -31.31
N SER D 421 26.20 -39.55 -31.70
CA SER D 421 25.74 -40.44 -32.76
C SER D 421 26.34 -40.09 -34.10
N ARG D 422 26.94 -38.91 -34.22
CA ARG D 422 27.69 -38.51 -35.39
C ARG D 422 29.18 -38.73 -35.24
N LEU D 423 29.63 -39.22 -34.09
CA LEU D 423 31.05 -39.47 -33.89
C LEU D 423 31.50 -40.61 -34.79
N GLY D 424 32.66 -40.43 -35.43
CA GLY D 424 33.17 -41.44 -36.34
C GLY D 424 33.82 -42.62 -35.65
N SER D 425 33.99 -42.55 -34.33
CA SER D 425 34.62 -43.65 -33.60
C SER D 425 33.84 -44.94 -33.73
N TRP D 426 32.52 -44.90 -33.59
CA TRP D 426 31.70 -46.09 -33.81
C TRP D 426 30.73 -45.83 -34.95
N LYS D 427 30.03 -44.71 -34.90
CA LYS D 427 29.18 -44.23 -36.00
C LYS D 427 28.41 -45.42 -36.59
N GLN D 428 28.24 -45.44 -37.91
CA GLN D 428 27.55 -46.54 -38.58
C GLN D 428 26.15 -46.72 -38.03
N TYR D 429 25.54 -47.87 -38.28
CA TYR D 429 24.22 -48.19 -37.77
C TYR D 429 23.21 -47.11 -38.16
N GLN D 430 23.00 -46.99 -39.47
CA GLN D 430 22.13 -45.94 -39.99
C GLN D 430 20.78 -45.92 -39.29
N CYS D 431 20.17 -47.09 -39.13
CA CYS D 431 18.85 -47.14 -38.50
C CYS D 431 18.88 -46.61 -37.07
N THR D 432 19.92 -46.96 -36.31
CA THR D 432 20.03 -46.44 -34.95
C THR D 432 20.23 -44.93 -34.96
N GLN D 433 20.95 -44.39 -35.93
CA GLN D 433 21.12 -42.95 -36.02
C GLN D 433 19.78 -42.26 -36.26
N VAL D 434 18.93 -42.85 -37.10
CA VAL D 434 17.61 -42.27 -37.34
C VAL D 434 16.81 -42.21 -36.04
N VAL D 435 16.83 -43.31 -35.28
CA VAL D 435 16.13 -43.32 -33.99
C VAL D 435 16.67 -42.23 -33.09
N ILE D 436 18.00 -42.10 -33.04
CA ILE D 436 18.61 -41.08 -32.19
C ILE D 436 18.17 -39.69 -32.63
N ASN D 437 18.20 -39.43 -33.93
CA ASN D 437 17.83 -38.10 -34.43
C ASN D 437 16.38 -37.79 -34.07
N SER D 438 15.48 -38.76 -34.26
CA SER D 438 14.07 -38.52 -33.94
C SER D 438 13.87 -38.29 -32.45
N PHE D 439 14.54 -39.07 -31.60
CA PHE D 439 14.39 -38.90 -30.16
C PHE D 439 14.99 -37.59 -29.67
N TYR D 440 16.03 -37.09 -30.34
CA TYR D 440 16.52 -35.75 -30.03
C TYR D 440 15.58 -34.69 -30.59
N ILE D 441 15.05 -34.91 -31.80
CA ILE D 441 14.18 -33.92 -32.43
C ILE D 441 12.92 -33.71 -31.59
N VAL D 442 12.46 -34.74 -30.89
CA VAL D 442 11.27 -34.59 -30.07
C VAL D 442 11.58 -33.84 -28.78
N THR D 443 12.83 -33.94 -28.30
CA THR D 443 13.20 -33.36 -27.02
C THR D 443 13.42 -31.85 -27.07
N ARG D 444 13.70 -31.27 -28.24
CA ARG D 444 13.96 -29.84 -28.27
C ARG D 444 12.76 -29.03 -27.81
N PRO D 445 11.57 -29.14 -28.40
CA PRO D 445 10.47 -28.27 -27.95
C PRO D 445 10.15 -28.45 -26.48
N LEU D 446 10.51 -29.60 -25.90
CA LEU D 446 10.33 -29.79 -24.46
C LEU D 446 11.16 -28.78 -23.67
N ALA D 447 12.44 -28.63 -24.01
CA ALA D 447 13.29 -27.67 -23.33
C ALA D 447 12.82 -26.25 -23.56
N PHE D 448 12.33 -25.95 -24.76
CA PHE D 448 11.78 -24.64 -25.08
C PHE D 448 10.51 -24.33 -24.29
N LEU D 449 9.92 -25.32 -23.63
CA LEU D 449 8.70 -25.08 -22.87
C LEU D 449 8.93 -24.19 -21.66
N ASN D 450 10.12 -24.26 -21.04
CA ASN D 450 10.38 -23.42 -19.87
C ASN D 450 10.12 -21.96 -20.16
N SER D 451 10.47 -21.51 -21.37
CA SER D 451 10.26 -20.11 -21.73
C SER D 451 8.78 -19.73 -21.75
N VAL D 452 7.88 -20.71 -21.80
CA VAL D 452 6.45 -20.46 -21.75
C VAL D 452 5.90 -20.66 -20.35
N ILE D 453 6.40 -21.67 -19.64
CA ILE D 453 5.90 -21.93 -18.29
C ILE D 453 6.35 -20.86 -17.32
N ASN D 454 7.59 -20.37 -17.47
CA ASN D 454 8.14 -19.44 -16.49
C ASN D 454 7.25 -18.23 -16.24
N PRO D 455 6.71 -17.55 -17.26
CA PRO D 455 5.78 -16.46 -16.97
C PRO D 455 4.62 -16.87 -16.08
N VAL D 456 4.09 -18.08 -16.28
CA VAL D 456 2.96 -18.54 -15.46
C VAL D 456 3.44 -18.93 -14.07
N PHE D 457 4.43 -19.81 -14.00
CA PHE D 457 4.86 -20.36 -12.72
C PHE D 457 5.38 -19.27 -11.79
N TYR D 458 6.20 -18.36 -12.32
CA TYR D 458 6.90 -17.40 -11.47
C TYR D 458 6.09 -16.12 -11.22
N PHE D 459 5.23 -15.72 -12.14
CA PHE D 459 4.54 -14.44 -12.02
C PHE D 459 3.03 -14.60 -11.85
N LEU D 460 2.38 -15.26 -12.79
CA LEU D 460 0.92 -15.26 -12.82
C LEU D 460 0.32 -16.30 -11.88
N LEU D 461 1.02 -17.41 -11.62
CA LEU D 461 0.47 -18.42 -10.74
C LEU D 461 0.28 -17.90 -9.32
N GLY D 462 1.12 -16.95 -8.90
CA GLY D 462 1.02 -16.40 -7.57
C GLY D 462 0.15 -15.16 -7.50
N ASP D 463 -0.20 -14.78 -6.28
CA ASP D 463 -0.98 -13.58 -6.03
C ASP D 463 -0.05 -12.37 -6.07
N HIS D 464 -0.56 -11.23 -5.59
CA HIS D 464 0.21 -9.99 -5.54
C HIS D 464 0.48 -9.47 -6.94
N PHE D 465 1.40 -10.12 -7.67
CA PHE D 465 1.68 -9.69 -9.03
C PHE D 465 0.44 -9.81 -9.91
N ARG D 466 -0.26 -10.94 -9.82
CA ARG D 466 -1.48 -11.10 -10.59
C ARG D 466 -2.50 -10.03 -10.22
N ASP D 467 -2.65 -9.75 -8.93
CA ASP D 467 -3.51 -8.66 -8.50
C ASP D 467 -3.02 -7.33 -9.06
N MET D 468 -1.71 -7.11 -9.05
CA MET D 468 -1.17 -5.88 -9.63
C MET D 468 -1.47 -5.80 -11.12
N LEU D 469 -1.31 -6.92 -11.84
CA LEU D 469 -1.62 -6.93 -13.26
C LEU D 469 -3.09 -6.63 -13.50
N MET D 470 -3.97 -7.25 -12.70
CA MET D 470 -5.43 -7.06 -12.87
C MET D 470 -5.75 -5.59 -12.59
N ASN D 471 -5.26 -5.04 -11.49
CA ASN D 471 -5.52 -3.63 -11.10
C ASN D 471 -4.97 -2.70 -12.18
N GLN D 472 -3.77 -2.99 -12.70
CA GLN D 472 -3.13 -2.14 -13.75
C GLN D 472 -3.82 -2.42 -15.08
N LEU D 473 -4.47 -3.57 -15.21
CA LEU D 473 -5.22 -3.92 -16.44
C LEU D 473 -6.58 -3.21 -16.39
N ARG D 474 -7.07 -2.89 -15.19
CA ARG D 474 -8.35 -2.15 -15.01
C ARG D 474 -8.07 -0.67 -15.26
N HIS D 475 -6.90 -0.19 -14.82
CA HIS D 475 -6.50 1.20 -15.03
C HIS D 475 -6.38 1.51 -16.52
N ASN D 476 -5.79 0.60 -17.29
CA ASN D 476 -5.67 0.82 -18.73
C ASN D 476 -7.04 0.90 -19.39
N PHE D 477 -7.96 0.04 -18.99
CA PHE D 477 -9.31 0.07 -19.57
C PHE D 477 -9.99 1.41 -19.30
N LYS D 478 -9.87 1.91 -18.06
CA LYS D 478 -10.47 3.21 -17.74
C LYS D 478 -9.83 4.32 -18.56
N SER D 479 -8.50 4.28 -18.71
CA SER D 479 -7.83 5.30 -19.50
C SER D 479 -8.27 5.25 -20.96
N LEU D 480 -8.41 4.05 -21.52
CA LEU D 480 -8.82 3.88 -22.91
C LEU D 480 -10.23 3.30 -22.98
#